data_8GWR
#
_entry.id   8GWR
#
_cell.length_a   143.194
_cell.length_b   143.194
_cell.length_c   167.488
_cell.angle_alpha   90.00
_cell.angle_beta   90.00
_cell.angle_gamma   120.00
#
_symmetry.space_group_name_H-M   'P 32 2 1'
#
loop_
_entity.id
_entity.type
_entity.pdbx_description
1 polymer 'Glutaminase kidney isoform, mitochondrial'
2 non-polymer 2,2-dimethyl-1,3-dihydrobenzo[a]phenanthridin-4-one
3 water water
#
_entity_poly.entity_id   1
_entity_poly.type   'polypeptide(L)'
_entity_poly.pdbx_seq_one_letter_code
;MMRLRGSGMLRDLLLRSPAGVSATLRRAQPLVTLCRRPRGGGRPAAGPAAAARLHPWWGGGGWPAEPLARGLSSSPSEIL
QELGKGSTHPQPGVSPPAAPAAPGPKDGPGETDAFGNSEGKELVASGENKIKQGLLPSLEDLLFYTIAEGQEKIPVHKFI
TALKSTGLRTSDPRLKECMDMLRLTLQTTSDGVMLDKDLFKKCVQSNIVLLTQAFRRKFVIPDFMSFTSHIDELYESAKK
QSGGKVADYIPQLAKFSPDLWGVSVCTVDGQRHSTGDTKVPFCLQSCVKPLKYAIAVNDLGTEYVHRYVGKEPSGLRFNK
LFLNEDDKPHNPMVNAGAIVVTSLIKQGVNNAEKFDYVMQFLNKMAGNEYVGFSNATFQSERESGDRNFAIGYYLKEKKC
FPEGTDMVGILDFYFQLCSIEVTCESASVMAATLANGGFCPITGERVLSPEAVRNTLSLMHSCGMYDFSGQFAFHVGLPA
KSGVAGGILLVVPNVMGMMCWSPPLDKMGNSVKGIHFCHDLVSLCNFHNYDNLRHFAKKLDPRREGGDQRVKSVINLLFA
AYTGDVSALRRFALSAMDMEQRDYDSRTALHVAAAEGHVEVVKFLLEACKVNPFPKDRWNNTPMDEALHFGHHDVFKILQ
EYQVQYTPQGDSDNGKENQTVHKNLDGLL
;
_entity_poly.pdbx_strand_id   B,A
#
# COMPACT_ATOMS: atom_id res chain seq x y z
N SER A 138 -9.05 35.18 -1.89
CA SER A 138 -8.73 34.85 -3.29
C SER A 138 -7.56 33.84 -3.41
N LEU A 139 -7.70 32.86 -4.31
CA LEU A 139 -6.65 31.86 -4.48
C LEU A 139 -5.35 32.47 -4.99
N GLU A 140 -5.46 33.51 -5.83
CA GLU A 140 -4.27 34.16 -6.37
C GLU A 140 -3.52 34.90 -5.27
N ASP A 141 -4.25 35.67 -4.45
CA ASP A 141 -3.63 36.38 -3.34
C ASP A 141 -3.08 35.38 -2.31
N LEU A 142 -3.92 34.39 -1.95
CA LEU A 142 -3.51 33.37 -0.99
C LEU A 142 -2.20 32.70 -1.42
N LEU A 143 -2.11 32.33 -2.70
CA LEU A 143 -0.87 31.77 -3.21
C LEU A 143 0.23 32.83 -3.22
N PHE A 144 -0.10 34.06 -3.65
CA PHE A 144 0.87 35.15 -3.63
C PHE A 144 1.48 35.29 -2.25
N TYR A 145 0.64 35.33 -1.23
CA TYR A 145 1.16 35.49 0.12
C TYR A 145 2.04 34.29 0.52
N THR A 146 1.69 33.08 0.07
CA THR A 146 2.50 31.91 0.40
C THR A 146 3.93 32.05 -0.10
N ILE A 147 4.09 32.43 -1.36
CA ILE A 147 5.42 32.53 -1.94
C ILE A 147 6.14 33.76 -1.43
N ALA A 148 5.44 34.88 -1.38
CA ALA A 148 6.07 36.08 -0.84
C ALA A 148 6.20 35.84 0.64
N GLU A 149 7.32 35.27 1.06
CA GLU A 149 7.47 34.86 2.45
C GLU A 149 7.49 36.10 3.35
N GLY A 150 6.46 36.95 3.18
CA GLY A 150 6.24 38.14 3.97
C GLY A 150 6.78 39.44 3.39
N GLN A 151 7.59 39.40 2.33
CA GLN A 151 8.32 40.57 1.84
C GLN A 151 7.52 41.48 0.89
N GLU A 152 6.19 41.32 0.80
CA GLU A 152 5.31 42.20 0.02
C GLU A 152 5.54 42.18 -1.49
N LYS A 153 6.79 41.96 -1.93
CA LYS A 153 7.09 41.83 -3.35
C LYS A 153 7.99 40.62 -3.54
N ILE A 154 7.78 39.88 -4.62
CA ILE A 154 8.49 38.63 -4.90
C ILE A 154 9.52 38.87 -5.98
N PRO A 155 10.81 38.61 -5.75
CA PRO A 155 11.74 38.56 -6.88
C PRO A 155 11.36 37.40 -7.76
N VAL A 156 11.57 37.57 -9.08
CA VAL A 156 11.17 36.52 -10.01
C VAL A 156 11.88 35.21 -9.70
N HIS A 157 13.16 35.26 -9.35
CA HIS A 157 13.83 33.99 -9.08
C HIS A 157 13.46 33.42 -7.71
N LYS A 158 12.90 34.23 -6.81
CA LYS A 158 12.27 33.62 -5.63
C LYS A 158 11.12 32.71 -6.06
N PHE A 159 10.32 33.16 -7.03
CA PHE A 159 9.23 32.36 -7.57
C PHE A 159 9.72 31.09 -8.25
N ILE A 160 10.76 31.21 -9.09
CA ILE A 160 11.21 30.05 -9.84
C ILE A 160 11.75 28.99 -8.90
N THR A 161 12.65 29.39 -8.00
CA THR A 161 13.21 28.40 -7.08
C THR A 161 12.12 27.86 -6.18
N ALA A 162 11.10 28.68 -5.89
CA ALA A 162 9.93 28.18 -5.18
C ALA A 162 9.28 27.06 -5.98
N LEU A 163 8.92 27.35 -7.22
CA LEU A 163 8.40 26.32 -8.12
C LEU A 163 9.32 25.12 -8.22
N LYS A 164 10.57 25.34 -8.62
CA LYS A 164 11.43 24.18 -8.87
C LYS A 164 11.55 23.31 -7.64
N SER A 165 11.28 23.84 -6.45
CA SER A 165 11.39 23.07 -5.22
C SER A 165 10.21 22.15 -4.99
N THR A 166 9.06 22.44 -5.61
CA THR A 166 8.00 21.44 -5.59
C THR A 166 8.30 20.30 -6.53
N GLY A 167 9.21 20.49 -7.47
CA GLY A 167 9.54 19.47 -8.43
C GLY A 167 8.88 19.68 -9.77
N LEU A 168 7.90 20.57 -9.85
CA LEU A 168 7.49 21.05 -11.16
C LEU A 168 8.71 21.66 -11.85
N ARG A 169 8.77 21.50 -13.17
CA ARG A 169 9.75 22.15 -14.01
C ARG A 169 9.13 23.39 -14.65
N THR A 170 9.98 24.39 -14.92
CA THR A 170 9.46 25.53 -15.66
C THR A 170 9.10 25.14 -17.10
N SER A 171 9.54 23.96 -17.55
CA SER A 171 9.16 23.46 -18.88
C SER A 171 7.73 22.95 -18.93
N ASP A 172 7.13 22.63 -17.78
CA ASP A 172 5.84 21.94 -17.73
C ASP A 172 4.86 22.50 -18.74
N PRO A 173 4.31 21.67 -19.61
CA PRO A 173 3.25 22.15 -20.51
C PRO A 173 2.08 22.75 -19.76
N ARG A 174 1.79 22.25 -18.55
CA ARG A 174 0.65 22.78 -17.78
C ARG A 174 0.92 24.17 -17.19
N LEU A 175 2.12 24.71 -17.41
CA LEU A 175 2.53 25.99 -16.86
C LEU A 175 2.87 26.99 -17.94
N LYS A 176 2.54 26.69 -19.21
CA LYS A 176 2.98 27.49 -20.34
C LYS A 176 2.52 28.93 -20.25
N GLU A 177 1.22 29.15 -19.97
CA GLU A 177 0.68 30.50 -19.85
C GLU A 177 1.47 31.33 -18.85
N CYS A 178 1.83 30.73 -17.71
CA CYS A 178 2.47 31.48 -16.64
C CYS A 178 3.91 31.84 -16.99
N MET A 179 4.66 30.90 -17.58
CA MET A 179 6.03 31.19 -17.99
C MET A 179 6.10 32.21 -19.13
N ASP A 180 5.13 32.14 -20.06
CA ASP A 180 5.04 33.16 -21.11
C ASP A 180 4.83 34.55 -20.53
N MET A 181 3.85 34.69 -19.63
CA MET A 181 3.61 35.98 -18.99
C MET A 181 4.82 36.42 -18.18
N LEU A 182 5.43 35.50 -17.45
CA LEU A 182 6.71 35.73 -16.83
C LEU A 182 7.71 36.26 -17.83
N ARG A 183 7.75 35.66 -19.02
CA ARG A 183 8.77 36.01 -20.01
C ARG A 183 8.70 37.48 -20.40
N LEU A 184 7.55 38.14 -20.19
CA LEU A 184 7.51 39.58 -20.44
C LEU A 184 8.19 40.31 -19.26
N THR A 185 9.39 39.82 -18.92
CA THR A 185 10.51 40.51 -18.30
C THR A 185 11.26 41.39 -19.32
N LEU A 186 10.90 41.26 -20.59
CA LEU A 186 11.50 42.08 -21.65
C LEU A 186 10.94 43.49 -21.66
N GLN A 187 9.61 43.63 -21.64
CA GLN A 187 8.93 44.92 -21.56
C GLN A 187 9.10 45.58 -20.19
N MET A 194 10.42 42.20 -10.65
CA MET A 194 9.86 41.90 -9.34
C MET A 194 8.32 42.00 -9.29
N LEU A 195 7.70 41.11 -8.53
CA LEU A 195 6.26 40.87 -8.61
C LEU A 195 5.51 41.52 -7.45
N ASP A 196 4.43 42.22 -7.78
CA ASP A 196 3.48 42.69 -6.80
C ASP A 196 2.25 41.77 -6.84
N LYS A 197 1.29 42.04 -5.95
CA LYS A 197 0.10 41.19 -5.81
C LYS A 197 -0.65 41.07 -7.13
N ASP A 198 -0.57 42.10 -7.97
CA ASP A 198 -1.34 42.22 -9.21
C ASP A 198 -0.60 41.73 -10.45
N LEU A 199 0.72 41.89 -10.48
CA LEU A 199 1.51 41.26 -11.53
C LEU A 199 1.47 39.75 -11.36
N PHE A 200 1.72 39.30 -10.14
CA PHE A 200 1.69 37.88 -9.83
C PHE A 200 0.31 37.28 -10.12
N LYS A 201 -0.75 37.93 -9.67
CA LYS A 201 -2.09 37.42 -9.95
C LYS A 201 -2.37 37.36 -11.45
N LYS A 202 -1.63 38.15 -12.25
CA LYS A 202 -1.81 38.14 -13.69
C LYS A 202 -1.16 36.93 -14.35
N CYS A 203 0.05 36.53 -13.91
CA CYS A 203 0.74 35.41 -14.55
C CYS A 203 0.16 34.04 -14.13
N VAL A 204 0.06 33.79 -12.83
CA VAL A 204 -0.41 32.50 -12.33
C VAL A 204 -1.90 32.27 -12.52
N GLN A 205 -2.66 33.29 -12.92
CA GLN A 205 -4.12 33.15 -12.96
C GLN A 205 -4.56 31.94 -13.75
N SER A 206 -3.88 31.64 -14.87
CA SER A 206 -4.39 30.63 -15.79
C SER A 206 -3.93 29.23 -15.48
N ASN A 207 -2.92 29.08 -14.63
CA ASN A 207 -2.51 27.79 -14.10
C ASN A 207 -2.73 27.72 -12.59
N ILE A 208 -3.76 28.43 -12.11
CA ILE A 208 -3.88 28.65 -10.67
C ILE A 208 -4.30 27.37 -9.98
N VAL A 209 -5.00 26.48 -10.68
CA VAL A 209 -5.41 25.24 -10.03
C VAL A 209 -4.20 24.34 -9.81
N LEU A 210 -3.36 24.15 -10.84
CA LEU A 210 -2.14 23.35 -10.67
C LEU A 210 -1.17 24.02 -9.71
N LEU A 211 -1.00 25.33 -9.83
CA LEU A 211 -0.10 26.03 -8.92
C LEU A 211 -0.62 26.03 -7.50
N THR A 212 -1.94 26.05 -7.30
CA THR A 212 -2.46 26.02 -5.94
C THR A 212 -2.15 24.67 -5.27
N GLN A 213 -2.52 23.59 -5.96
CA GLN A 213 -2.32 22.26 -5.43
C GLN A 213 -0.84 22.01 -5.23
N ALA A 214 0.00 22.69 -6.01
CA ALA A 214 1.43 22.50 -5.93
C ALA A 214 2.01 23.10 -4.66
N PHE A 215 1.53 24.29 -4.27
CA PHE A 215 2.15 25.07 -3.19
C PHE A 215 1.49 24.86 -1.83
N ARG A 216 0.26 24.35 -1.84
CA ARG A 216 -0.42 23.97 -0.58
C ARG A 216 0.10 22.61 -0.17
N ARG A 217 1.14 22.13 -0.84
CA ARG A 217 1.83 20.85 -0.50
C ARG A 217 0.92 19.64 -0.67
N LYS A 218 0.10 19.66 -1.71
CA LYS A 218 -0.78 18.51 -1.92
C LYS A 218 -0.42 17.72 -3.17
N PHE A 219 0.86 17.66 -3.52
CA PHE A 219 1.28 16.67 -4.50
C PHE A 219 1.49 15.31 -3.82
N VAL A 220 1.53 14.26 -4.65
CA VAL A 220 1.60 12.89 -4.12
C VAL A 220 2.85 12.69 -3.27
N ILE A 221 3.94 13.36 -3.62
CA ILE A 221 5.10 13.46 -2.75
C ILE A 221 5.20 14.93 -2.36
N PRO A 222 4.84 15.31 -1.13
CA PRO A 222 4.88 16.74 -0.78
C PRO A 222 6.30 17.27 -0.60
N ASP A 223 7.17 16.49 0.02
CA ASP A 223 8.54 16.88 0.31
C ASP A 223 9.46 16.29 -0.75
N PHE A 224 9.28 16.83 -1.96
CA PHE A 224 10.02 16.33 -3.11
C PHE A 224 11.53 16.55 -2.94
N MET A 225 11.92 17.67 -2.32
CA MET A 225 13.35 17.92 -2.19
C MET A 225 14.04 16.78 -1.44
N SER A 226 13.45 16.35 -0.32
CA SER A 226 14.11 15.34 0.48
C SER A 226 13.96 13.95 -0.10
N PHE A 227 12.92 13.76 -0.94
CA PHE A 227 12.75 12.49 -1.63
C PHE A 227 13.86 12.25 -2.63
N THR A 228 14.20 13.27 -3.41
CA THR A 228 15.22 13.14 -4.44
C THR A 228 16.62 13.03 -3.86
N SER A 229 16.84 13.45 -2.62
CA SER A 229 18.13 13.16 -1.99
C SER A 229 18.29 11.67 -1.78
N HIS A 230 17.19 10.99 -1.44
CA HIS A 230 17.20 9.55 -1.38
C HIS A 230 17.45 8.94 -2.75
N ILE A 231 16.75 9.45 -3.79
CA ILE A 231 16.95 8.97 -5.16
C ILE A 231 18.44 9.02 -5.53
N ASP A 232 19.09 10.15 -5.22
CA ASP A 232 20.51 10.28 -5.54
C ASP A 232 21.37 9.37 -4.64
N GLU A 233 20.97 9.19 -3.39
CA GLU A 233 21.66 8.19 -2.58
C GLU A 233 21.52 6.79 -3.19
N LEU A 234 20.31 6.42 -3.61
CA LEU A 234 20.14 5.13 -4.29
C LEU A 234 20.95 5.10 -5.58
N TYR A 235 20.99 6.22 -6.31
CA TYR A 235 21.75 6.30 -7.56
C TYR A 235 23.24 6.10 -7.33
N GLU A 236 23.83 6.83 -6.38
CA GLU A 236 25.26 6.70 -6.16
C GLU A 236 25.61 5.28 -5.77
N SER A 237 24.79 4.69 -4.90
CA SER A 237 25.03 3.33 -4.44
C SER A 237 24.99 2.33 -5.60
N ALA A 238 23.98 2.43 -6.48
CA ALA A 238 23.91 1.49 -7.59
C ALA A 238 25.07 1.71 -8.56
N LYS A 239 25.60 2.93 -8.63
CA LYS A 239 26.67 3.25 -9.57
C LYS A 239 27.94 2.43 -9.31
N LYS A 240 28.11 1.93 -8.09
CA LYS A 240 29.31 1.17 -7.75
C LYS A 240 29.23 -0.28 -8.16
N GLN A 241 28.05 -0.77 -8.56
CA GLN A 241 27.95 -2.11 -9.12
C GLN A 241 28.45 -2.08 -10.56
N SER A 242 29.53 -2.82 -10.82
CA SER A 242 30.23 -2.72 -12.09
C SER A 242 30.05 -3.94 -13.00
N GLY A 243 29.39 -4.99 -12.52
CA GLY A 243 29.26 -6.22 -13.27
C GLY A 243 28.44 -6.06 -14.53
N GLY A 244 28.43 -7.13 -15.33
CA GLY A 244 27.57 -7.23 -16.48
C GLY A 244 28.30 -6.96 -17.80
N LYS A 245 27.69 -7.46 -18.88
CA LYS A 245 28.19 -7.30 -20.25
C LYS A 245 27.28 -6.34 -21.01
N VAL A 246 27.88 -5.37 -21.74
CA VAL A 246 27.09 -4.58 -22.68
C VAL A 246 26.66 -5.47 -23.83
N ALA A 247 25.40 -5.36 -24.25
CA ALA A 247 24.91 -6.22 -25.32
C ALA A 247 25.67 -5.91 -26.61
N ASP A 248 26.45 -6.89 -27.08
CA ASP A 248 27.22 -6.79 -28.31
C ASP A 248 26.62 -7.61 -29.45
N TYR A 249 25.44 -8.20 -29.26
CA TYR A 249 24.85 -9.01 -30.29
C TYR A 249 24.54 -8.19 -31.55
N ILE A 250 24.51 -6.85 -31.47
CA ILE A 250 24.62 -5.98 -32.64
C ILE A 250 25.63 -4.87 -32.34
N PRO A 251 26.31 -4.30 -33.35
CA PRO A 251 27.38 -3.34 -33.05
C PRO A 251 26.89 -2.00 -32.57
N GLN A 252 25.70 -1.56 -32.99
CA GLN A 252 25.18 -0.27 -32.54
C GLN A 252 24.84 -0.28 -31.05
N LEU A 253 24.44 -1.44 -30.53
CA LEU A 253 24.18 -1.62 -29.11
C LEU A 253 25.45 -1.87 -28.30
N ALA A 254 26.54 -2.27 -28.93
CA ALA A 254 27.79 -2.49 -28.20
C ALA A 254 28.63 -1.22 -28.06
N LYS A 255 28.29 -0.15 -28.80
CA LYS A 255 29.04 1.11 -28.75
C LYS A 255 28.85 1.90 -27.46
N PHE A 256 27.83 1.60 -26.65
CA PHE A 256 27.52 2.42 -25.49
C PHE A 256 28.48 2.07 -24.35
N SER A 257 29.04 3.10 -23.71
CA SER A 257 29.99 2.85 -22.63
C SER A 257 29.29 2.17 -21.47
N PRO A 258 29.93 1.19 -20.85
CA PRO A 258 29.31 0.51 -19.69
C PRO A 258 29.17 1.37 -18.46
N ASP A 259 29.73 2.58 -18.46
CA ASP A 259 29.68 3.46 -17.31
C ASP A 259 28.53 4.46 -17.37
N LEU A 260 27.75 4.44 -18.45
CA LEU A 260 26.57 5.29 -18.52
C LEU A 260 25.51 4.78 -17.52
N TRP A 261 24.94 5.70 -16.75
CA TRP A 261 24.01 5.32 -15.71
C TRP A 261 23.11 6.51 -15.43
N GLY A 262 21.81 6.34 -15.67
CA GLY A 262 20.84 7.38 -15.41
C GLY A 262 19.54 6.85 -14.85
N VAL A 263 18.97 7.55 -13.88
CA VAL A 263 17.63 7.28 -13.42
C VAL A 263 16.86 8.58 -13.58
N SER A 264 15.61 8.46 -14.02
CA SER A 264 14.73 9.60 -14.18
C SER A 264 13.40 9.28 -13.52
N VAL A 265 12.90 10.23 -12.74
CA VAL A 265 11.69 10.08 -11.94
C VAL A 265 10.69 11.14 -12.38
N CYS A 266 9.48 10.72 -12.72
CA CYS A 266 8.36 11.64 -12.91
C CYS A 266 7.16 11.08 -12.16
N THR A 267 6.61 11.85 -11.23
CA THR A 267 5.50 11.43 -10.39
C THR A 267 4.15 11.70 -11.07
N VAL A 268 3.10 11.17 -10.45
CA VAL A 268 1.74 11.31 -10.95
C VAL A 268 1.35 12.76 -11.12
N ASP A 269 2.04 13.66 -10.43
CA ASP A 269 1.66 15.06 -10.47
C ASP A 269 2.60 15.91 -11.31
N GLY A 270 3.58 15.30 -12.00
CA GLY A 270 4.51 16.04 -12.82
C GLY A 270 5.78 16.46 -12.11
N GLN A 271 5.97 16.09 -10.84
CA GLN A 271 7.26 16.32 -10.19
C GLN A 271 8.36 15.55 -10.92
N ARG A 272 9.46 16.22 -11.26
CA ARG A 272 10.55 15.59 -12.00
C ARG A 272 11.86 15.64 -11.22
N HIS A 273 12.67 14.60 -11.42
CA HIS A 273 14.03 14.60 -10.90
C HIS A 273 14.88 13.63 -11.72
N SER A 274 16.14 14.01 -11.97
CA SER A 274 17.05 13.23 -12.81
C SER A 274 18.45 13.20 -12.23
N THR A 275 19.11 12.04 -12.37
CA THR A 275 20.51 11.90 -12.01
C THR A 275 21.23 11.05 -13.05
N GLY A 276 22.42 11.49 -13.44
CA GLY A 276 23.21 10.72 -14.37
C GLY A 276 22.81 10.98 -15.81
N ASP A 277 23.07 9.97 -16.65
CA ASP A 277 22.99 10.09 -18.10
C ASP A 277 21.55 9.90 -18.58
N THR A 278 20.74 10.91 -18.31
CA THR A 278 19.28 10.83 -18.46
C THR A 278 18.75 11.48 -19.72
N LYS A 279 19.63 12.05 -20.56
CA LYS A 279 19.22 12.59 -21.86
C LYS A 279 20.04 11.99 -23.01
N VAL A 280 20.69 10.87 -22.79
CA VAL A 280 21.32 10.11 -23.87
C VAL A 280 20.22 9.28 -24.53
N PRO A 281 19.98 9.43 -25.83
CA PRO A 281 19.02 8.53 -26.49
C PRO A 281 19.53 7.10 -26.54
N PHE A 282 18.64 6.17 -26.22
CA PHE A 282 18.87 4.74 -26.39
C PHE A 282 17.56 4.10 -26.86
N CYS A 283 17.61 2.86 -27.29
CA CYS A 283 16.40 2.27 -27.84
C CYS A 283 15.61 1.54 -26.78
N LEU A 284 14.29 1.56 -26.98
CA LEU A 284 13.38 0.94 -26.03
C LEU A 284 13.68 -0.55 -25.90
N GLN A 285 13.75 -1.23 -27.04
CA GLN A 285 13.90 -2.69 -27.13
C GLN A 285 12.69 -3.28 -26.40
N SER A 286 12.84 -4.37 -25.65
CA SER A 286 11.66 -5.02 -25.11
C SER A 286 10.95 -4.14 -24.10
N CYS A 287 11.50 -2.95 -23.80
CA CYS A 287 10.72 -2.00 -23.00
C CYS A 287 9.51 -1.49 -23.75
N VAL A 288 9.36 -1.82 -25.04
CA VAL A 288 8.17 -1.40 -25.78
C VAL A 288 7.01 -2.39 -25.67
N LYS A 289 7.28 -3.62 -25.21
CA LYS A 289 6.25 -4.65 -25.13
C LYS A 289 5.02 -4.21 -24.34
N PRO A 290 5.14 -3.62 -23.15
CA PRO A 290 3.94 -3.11 -22.47
C PRO A 290 3.25 -1.98 -23.22
N LEU A 291 4.00 -1.08 -23.89
CA LEU A 291 3.39 0.07 -24.55
C LEU A 291 2.51 -0.34 -25.73
N LYS A 292 3.01 -1.22 -26.61
CA LYS A 292 2.15 -1.64 -27.73
C LYS A 292 1.03 -2.57 -27.25
N TYR A 293 1.27 -3.38 -26.20
CA TYR A 293 0.18 -4.10 -25.60
C TYR A 293 -0.84 -3.14 -25.00
N ALA A 294 -0.37 -2.06 -24.38
CA ALA A 294 -1.31 -1.05 -23.90
C ALA A 294 -2.09 -0.43 -25.06
N ILE A 295 -1.38 -0.03 -26.12
CA ILE A 295 -2.03 0.54 -27.32
C ILE A 295 -3.06 -0.41 -27.89
N ALA A 296 -2.68 -1.69 -28.07
CA ALA A 296 -3.58 -2.70 -28.61
C ALA A 296 -4.86 -2.84 -27.78
N VAL A 297 -4.72 -3.03 -26.47
CA VAL A 297 -5.89 -3.22 -25.62
C VAL A 297 -6.74 -1.96 -25.64
N ASN A 298 -6.07 -0.81 -25.66
CA ASN A 298 -6.78 0.47 -25.68
C ASN A 298 -7.73 0.56 -26.86
N ASP A 299 -7.28 0.10 -28.04
CA ASP A 299 -8.15 0.19 -29.22
C ASP A 299 -9.13 -0.98 -29.27
N LEU A 300 -8.69 -2.18 -28.83
CA LEU A 300 -9.37 -3.42 -29.16
C LEU A 300 -10.06 -4.10 -27.98
N GLY A 301 -9.66 -3.82 -26.75
CA GLY A 301 -10.31 -4.44 -25.62
C GLY A 301 -9.59 -5.67 -25.12
N THR A 302 -9.87 -6.03 -23.85
CA THR A 302 -9.27 -7.21 -23.23
C THR A 302 -9.64 -8.47 -23.98
N GLU A 303 -10.93 -8.69 -24.21
CA GLU A 303 -11.39 -9.95 -24.79
C GLU A 303 -10.76 -10.21 -26.16
N TYR A 304 -10.77 -9.19 -27.03
CA TYR A 304 -10.21 -9.37 -28.37
C TYR A 304 -8.73 -9.68 -28.32
N VAL A 305 -7.94 -8.81 -27.67
CA VAL A 305 -6.48 -8.97 -27.68
C VAL A 305 -6.10 -10.38 -27.24
N HIS A 306 -6.75 -10.88 -26.19
CA HIS A 306 -6.37 -12.15 -25.59
C HIS A 306 -7.05 -13.35 -26.24
N ARG A 307 -7.74 -13.15 -27.36
CA ARG A 307 -7.95 -14.26 -28.28
C ARG A 307 -6.64 -14.71 -28.91
N TYR A 308 -5.62 -13.85 -28.94
CA TYR A 308 -4.38 -14.15 -29.65
C TYR A 308 -3.17 -14.28 -28.74
N VAL A 309 -3.30 -14.01 -27.45
CA VAL A 309 -2.17 -14.04 -26.53
C VAL A 309 -2.69 -14.27 -25.12
N GLY A 310 -1.91 -14.99 -24.31
CA GLY A 310 -2.29 -15.33 -22.97
C GLY A 310 -1.96 -14.22 -21.98
N LYS A 311 -2.20 -14.52 -20.71
CA LYS A 311 -2.02 -13.55 -19.63
C LYS A 311 -1.26 -14.09 -18.42
N GLU A 312 -0.38 -15.07 -18.59
CA GLU A 312 0.29 -15.69 -17.47
C GLU A 312 1.78 -15.86 -17.73
N PRO A 313 2.58 -16.02 -16.68
CA PRO A 313 3.95 -16.50 -16.87
C PRO A 313 4.01 -17.94 -17.36
N SER A 314 5.11 -18.27 -18.04
CA SER A 314 5.33 -19.65 -18.45
C SER A 314 5.85 -20.50 -17.30
N GLY A 315 6.66 -19.91 -16.42
CA GLY A 315 7.43 -20.67 -15.46
C GLY A 315 8.83 -20.87 -16.02
N LEU A 316 9.86 -20.75 -15.18
CA LEU A 316 11.24 -20.79 -15.68
C LEU A 316 11.60 -22.11 -16.35
N ARG A 317 10.87 -23.19 -16.04
CA ARG A 317 11.16 -24.49 -16.63
C ARG A 317 10.56 -24.67 -18.02
N PHE A 318 9.64 -23.79 -18.44
CA PHE A 318 9.06 -23.81 -19.77
C PHE A 318 9.26 -22.48 -20.48
N ASN A 319 10.29 -21.71 -20.08
CA ASN A 319 10.67 -20.44 -20.69
C ASN A 319 11.02 -20.54 -22.17
N LYS A 320 10.69 -21.68 -22.80
CA LYS A 320 11.03 -21.98 -24.18
C LYS A 320 9.91 -22.60 -24.99
N LEU A 321 8.78 -22.98 -24.37
CA LEU A 321 7.74 -23.74 -25.06
C LEU A 321 6.89 -22.91 -26.03
N PHE A 322 7.05 -21.59 -26.07
CA PHE A 322 6.39 -20.73 -27.05
C PHE A 322 4.87 -20.66 -26.91
N LEU A 323 4.17 -21.79 -27.02
CA LEU A 323 2.71 -21.77 -26.98
C LEU A 323 2.23 -22.43 -25.69
N ASN A 324 1.12 -21.94 -25.16
CA ASN A 324 0.55 -22.55 -23.97
C ASN A 324 -0.47 -23.59 -24.41
N GLU A 325 -1.33 -24.01 -23.48
CA GLU A 325 -2.30 -25.06 -23.81
C GLU A 325 -3.39 -24.58 -24.75
N ASP A 326 -3.73 -23.28 -24.73
CA ASP A 326 -4.68 -22.72 -25.70
C ASP A 326 -4.02 -22.43 -27.04
N ASP A 327 -2.75 -22.81 -27.20
CA ASP A 327 -2.01 -22.59 -28.45
C ASP A 327 -1.94 -21.10 -28.79
N LYS A 328 -1.80 -20.28 -27.76
CA LYS A 328 -1.48 -18.87 -27.77
C LYS A 328 -0.17 -18.69 -27.02
N PRO A 329 0.61 -17.66 -27.32
CA PRO A 329 1.77 -17.34 -26.48
C PRO A 329 1.33 -16.99 -25.06
N HIS A 330 2.22 -17.27 -24.10
CA HIS A 330 1.85 -17.15 -22.68
C HIS A 330 1.44 -15.72 -22.31
N ASN A 331 2.17 -14.71 -22.78
CA ASN A 331 1.90 -13.34 -22.36
C ASN A 331 2.57 -12.39 -23.35
N PRO A 332 2.13 -11.13 -23.41
CA PRO A 332 2.71 -10.19 -24.38
C PRO A 332 4.14 -9.81 -24.10
N MET A 333 4.74 -10.25 -23.00
CA MET A 333 6.07 -9.77 -22.64
C MET A 333 7.19 -10.67 -23.15
N VAL A 334 6.88 -11.86 -23.66
CA VAL A 334 7.82 -12.76 -24.32
C VAL A 334 7.80 -12.49 -25.82
N ASN A 335 8.86 -12.88 -26.54
CA ASN A 335 8.96 -12.48 -27.97
C ASN A 335 7.78 -13.00 -28.79
N ALA A 336 7.38 -14.26 -28.60
CA ALA A 336 6.26 -14.80 -29.39
C ALA A 336 4.97 -14.01 -29.12
N GLY A 337 4.68 -13.73 -27.86
CA GLY A 337 3.50 -12.92 -27.55
C GLY A 337 3.66 -11.48 -28.00
N ALA A 338 4.87 -10.93 -27.86
CA ALA A 338 5.12 -9.59 -28.37
C ALA A 338 4.86 -9.52 -29.87
N ILE A 339 5.36 -10.53 -30.61
CA ILE A 339 5.16 -10.55 -32.05
C ILE A 339 3.68 -10.59 -32.40
N VAL A 340 2.90 -11.44 -31.70
CA VAL A 340 1.49 -11.54 -32.04
C VAL A 340 0.75 -10.24 -31.76
N VAL A 341 1.13 -9.54 -30.67
CA VAL A 341 0.45 -8.29 -30.31
C VAL A 341 0.64 -7.25 -31.41
N THR A 342 1.87 -7.12 -31.90
CA THR A 342 2.17 -6.17 -32.98
C THR A 342 1.22 -6.36 -34.17
N SER A 343 0.88 -7.61 -34.49
CA SER A 343 -0.03 -7.88 -35.59
C SER A 343 -1.43 -7.36 -35.33
N LEU A 344 -1.75 -7.01 -34.09
CA LEU A 344 -3.11 -6.57 -33.81
C LEU A 344 -3.30 -5.08 -33.97
N ILE A 345 -2.22 -4.31 -33.95
CA ILE A 345 -2.33 -2.85 -33.95
C ILE A 345 -2.68 -2.35 -35.35
N LYS A 346 -3.73 -1.53 -35.43
CA LYS A 346 -4.24 -0.90 -36.65
C LYS A 346 -4.16 -1.82 -37.86
N GLN A 347 -5.02 -2.84 -37.88
CA GLN A 347 -5.10 -3.75 -39.01
C GLN A 347 -5.73 -3.04 -40.21
N GLY A 348 -5.31 -3.42 -41.41
CA GLY A 348 -5.90 -2.81 -42.59
C GLY A 348 -5.16 -1.63 -43.20
N VAL A 349 -4.04 -1.19 -42.61
CA VAL A 349 -3.24 -0.09 -43.13
C VAL A 349 -1.79 -0.56 -43.31
N ASN A 350 -1.01 0.27 -43.99
CA ASN A 350 0.37 -0.09 -44.29
C ASN A 350 1.28 0.14 -43.10
N ASN A 351 2.52 -0.34 -43.24
CA ASN A 351 3.48 -0.30 -42.15
C ASN A 351 3.79 1.12 -41.75
N ALA A 352 4.08 1.99 -42.71
CA ALA A 352 4.47 3.35 -42.36
C ALA A 352 3.33 4.08 -41.67
N GLU A 353 2.10 3.69 -41.97
CA GLU A 353 0.97 4.25 -41.25
C GLU A 353 0.85 3.64 -39.85
N LYS A 354 1.09 2.33 -39.76
CA LYS A 354 1.10 1.66 -38.47
C LYS A 354 2.16 2.25 -37.56
N PHE A 355 3.37 2.42 -38.07
CA PHE A 355 4.45 3.00 -37.27
C PHE A 355 4.19 4.46 -36.90
N ASP A 356 3.45 5.19 -37.73
CA ASP A 356 3.09 6.57 -37.40
C ASP A 356 2.00 6.63 -36.34
N TYR A 357 1.11 5.63 -36.32
CA TYR A 357 0.12 5.54 -35.24
C TYR A 357 0.78 5.23 -33.90
N VAL A 358 1.73 4.29 -33.87
CA VAL A 358 2.35 3.94 -32.59
C VAL A 358 3.25 5.07 -32.13
N MET A 359 3.88 5.78 -33.07
CA MET A 359 4.71 6.93 -32.69
C MET A 359 3.82 8.05 -32.16
N GLN A 360 2.69 8.30 -32.81
CA GLN A 360 1.77 9.30 -32.31
C GLN A 360 1.35 8.97 -30.89
N PHE A 361 1.17 7.67 -30.62
CA PHE A 361 0.70 7.23 -29.31
C PHE A 361 1.79 7.40 -28.27
N LEU A 362 2.99 6.92 -28.57
CA LEU A 362 4.10 7.07 -27.63
C LEU A 362 4.30 8.54 -27.29
N ASN A 363 4.09 9.42 -28.26
CA ASN A 363 4.32 10.84 -28.01
C ASN A 363 3.34 11.39 -26.99
N LYS A 364 2.06 10.99 -27.06
CA LYS A 364 1.09 11.35 -26.04
C LYS A 364 1.49 10.82 -24.66
N MET A 365 2.17 9.66 -24.61
CA MET A 365 2.55 9.05 -23.34
C MET A 365 3.68 9.80 -22.65
N ALA A 366 4.65 10.30 -23.42
CA ALA A 366 5.77 11.05 -22.86
C ALA A 366 5.53 12.54 -22.86
N GLY A 367 4.28 12.98 -23.06
CA GLY A 367 3.97 14.41 -22.98
C GLY A 367 4.71 15.23 -24.01
N ASN A 368 4.88 14.65 -25.21
CA ASN A 368 5.59 15.21 -26.35
C ASN A 368 7.07 15.37 -26.10
N GLU A 369 7.64 14.67 -25.12
CA GLU A 369 9.09 14.70 -24.97
C GLU A 369 9.72 13.69 -25.96
N TYR A 370 11.04 13.51 -25.87
CA TYR A 370 11.80 12.89 -26.96
C TYR A 370 11.38 11.45 -27.22
N VAL A 371 10.92 11.19 -28.46
CA VAL A 371 10.72 9.84 -28.99
C VAL A 371 11.38 9.81 -30.37
N GLY A 372 12.44 9.03 -30.50
CA GLY A 372 13.20 9.07 -31.74
C GLY A 372 13.19 7.77 -32.51
N PHE A 373 14.22 7.57 -33.32
CA PHE A 373 14.35 6.36 -34.12
C PHE A 373 15.79 6.26 -34.59
N SER A 374 16.42 5.10 -34.29
CA SER A 374 17.79 4.77 -34.68
C SER A 374 17.74 3.70 -35.78
N ASN A 375 17.74 4.17 -37.04
CA ASN A 375 17.73 3.27 -38.20
C ASN A 375 18.91 2.31 -38.14
N ALA A 376 20.07 2.76 -37.64
CA ALA A 376 21.20 1.89 -37.43
C ALA A 376 20.79 0.63 -36.67
N THR A 377 20.32 0.81 -35.43
CA THR A 377 19.80 -0.29 -34.63
C THR A 377 18.75 -1.09 -35.39
N PHE A 378 17.87 -0.40 -36.15
CA PHE A 378 16.82 -1.10 -36.88
C PHE A 378 17.38 -1.99 -37.98
N GLN A 379 18.45 -1.54 -38.67
CA GLN A 379 18.97 -2.32 -39.79
C GLN A 379 19.74 -3.53 -39.32
N SER A 380 20.54 -3.41 -38.27
CA SER A 380 21.18 -4.61 -37.73
C SER A 380 20.16 -5.51 -37.05
N GLU A 381 19.08 -4.93 -36.49
CA GLU A 381 18.09 -5.74 -35.80
C GLU A 381 17.28 -6.57 -36.79
N ARG A 382 16.97 -6.01 -37.96
CA ARG A 382 16.27 -6.78 -38.98
C ARG A 382 17.14 -7.87 -39.59
N GLU A 383 18.46 -7.66 -39.66
CA GLU A 383 19.31 -8.68 -40.25
C GLU A 383 19.65 -9.78 -39.24
N SER A 384 19.93 -9.40 -37.96
CA SER A 384 20.33 -10.40 -36.98
C SER A 384 19.16 -11.02 -36.25
N GLY A 385 17.94 -10.55 -36.51
CA GLY A 385 16.78 -11.09 -35.85
C GLY A 385 16.27 -12.35 -36.52
N ASP A 386 17.19 -13.19 -37.00
CA ASP A 386 16.77 -14.41 -37.70
C ASP A 386 15.90 -15.30 -36.81
N ARG A 387 16.23 -15.41 -35.52
CA ARG A 387 15.50 -16.32 -34.66
C ARG A 387 14.02 -15.97 -34.56
N ASN A 388 13.66 -14.69 -34.63
CA ASN A 388 12.24 -14.34 -34.56
C ASN A 388 11.50 -14.58 -35.88
N PHE A 389 12.22 -14.61 -37.01
CA PHE A 389 11.63 -15.13 -38.26
C PHE A 389 11.18 -16.57 -38.06
N ALA A 390 12.09 -17.41 -37.57
CA ALA A 390 11.69 -18.75 -37.20
C ALA A 390 10.48 -18.71 -36.27
N ILE A 391 10.51 -17.83 -35.28
CA ILE A 391 9.38 -17.69 -34.37
C ILE A 391 8.13 -17.22 -35.14
N GLY A 392 8.31 -16.31 -36.10
CA GLY A 392 7.18 -15.85 -36.88
C GLY A 392 6.56 -16.95 -37.73
N TYR A 393 7.40 -17.74 -38.42
CA TYR A 393 6.84 -18.80 -39.23
C TYR A 393 6.17 -19.85 -38.34
N TYR A 394 6.82 -20.20 -37.23
CA TYR A 394 6.20 -21.15 -36.31
C TYR A 394 4.86 -20.62 -35.82
N LEU A 395 4.78 -19.32 -35.55
CA LEU A 395 3.51 -18.70 -35.17
C LEU A 395 2.49 -18.82 -36.31
N LYS A 396 2.91 -18.49 -37.55
CA LYS A 396 1.99 -18.56 -38.68
C LYS A 396 1.51 -19.99 -38.91
N GLU A 397 2.42 -20.97 -38.76
CA GLU A 397 2.04 -22.35 -38.97
C GLU A 397 0.93 -22.77 -38.02
N LYS A 398 1.00 -22.32 -36.77
CA LYS A 398 -0.03 -22.67 -35.79
C LYS A 398 -1.19 -21.67 -35.73
N LYS A 399 -1.38 -20.86 -36.77
CA LYS A 399 -2.60 -20.05 -36.92
C LYS A 399 -2.79 -19.10 -35.73
N CYS A 400 -1.71 -18.43 -35.30
CA CYS A 400 -1.79 -17.56 -34.14
C CYS A 400 -2.05 -16.10 -34.50
N PHE A 401 -1.94 -15.75 -35.75
CA PHE A 401 -2.23 -14.39 -36.15
C PHE A 401 -3.69 -14.25 -36.53
N PRO A 402 -4.21 -13.02 -36.53
CA PRO A 402 -5.56 -12.79 -37.07
C PRO A 402 -5.62 -13.09 -38.57
N GLU A 403 -6.74 -13.69 -39.00
CA GLU A 403 -6.92 -14.08 -40.40
C GLU A 403 -6.56 -12.93 -41.32
N GLY A 404 -5.65 -13.19 -42.25
CA GLY A 404 -5.18 -12.16 -43.14
C GLY A 404 -4.13 -11.29 -42.48
N THR A 405 -2.93 -11.85 -42.29
CA THR A 405 -1.85 -11.19 -41.58
C THR A 405 -0.54 -11.50 -42.29
N ASP A 406 0.16 -10.47 -42.76
CA ASP A 406 1.45 -10.68 -43.41
C ASP A 406 2.53 -10.78 -42.36
N MET A 407 2.91 -12.02 -42.01
CA MET A 407 3.84 -12.24 -40.90
C MET A 407 5.17 -11.54 -41.15
N VAL A 408 5.73 -11.71 -42.35
CA VAL A 408 7.02 -11.07 -42.65
C VAL A 408 6.88 -9.56 -42.53
N GLY A 409 5.70 -9.04 -42.82
CA GLY A 409 5.45 -7.63 -42.57
C GLY A 409 5.40 -7.30 -41.09
N ILE A 410 4.65 -8.10 -40.32
CA ILE A 410 4.54 -7.87 -38.89
C ILE A 410 5.91 -7.94 -38.25
N LEU A 411 6.74 -8.89 -38.68
CA LEU A 411 8.07 -8.95 -38.12
C LEU A 411 8.82 -7.67 -38.44
N ASP A 412 8.61 -7.15 -39.65
CA ASP A 412 9.24 -5.90 -40.07
C ASP A 412 8.81 -4.75 -39.17
N PHE A 413 7.51 -4.67 -38.89
CA PHE A 413 7.01 -3.71 -37.93
C PHE A 413 7.69 -3.91 -36.59
N TYR A 414 7.78 -5.17 -36.15
CA TYR A 414 8.30 -5.51 -34.82
C TYR A 414 9.69 -4.93 -34.62
N PHE A 415 10.58 -5.13 -35.60
CA PHE A 415 11.94 -4.63 -35.47
C PHE A 415 11.96 -3.10 -35.42
N GLN A 416 11.06 -2.45 -36.17
CA GLN A 416 10.95 -0.99 -36.11
C GLN A 416 10.69 -0.53 -34.67
N LEU A 417 9.69 -1.13 -34.00
CA LEU A 417 9.29 -0.69 -32.66
C LEU A 417 10.39 -0.91 -31.62
N CYS A 418 11.13 -2.02 -31.70
CA CYS A 418 12.28 -2.19 -30.82
C CYS A 418 13.28 -1.07 -31.00
N SER A 419 13.32 -0.45 -32.17
CA SER A 419 14.38 0.50 -32.47
C SER A 419 14.00 1.93 -32.15
N ILE A 420 12.76 2.16 -31.71
CA ILE A 420 12.35 3.48 -31.25
C ILE A 420 13.21 3.92 -30.07
N GLU A 421 13.51 5.22 -30.01
CA GLU A 421 14.48 5.79 -29.08
C GLU A 421 13.78 6.68 -28.06
N VAL A 422 14.30 6.66 -26.82
CA VAL A 422 13.82 7.52 -25.74
C VAL A 422 15.02 8.01 -24.93
N THR A 423 14.71 8.90 -24.01
CA THR A 423 15.72 9.36 -23.03
C THR A 423 15.16 8.85 -21.71
N CYS A 424 15.96 8.78 -20.66
CA CYS A 424 15.40 8.38 -19.35
C CYS A 424 14.31 9.38 -18.98
N GLU A 425 14.47 10.64 -19.35
CA GLU A 425 13.53 11.71 -18.95
C GLU A 425 12.22 11.61 -19.73
N SER A 426 12.27 11.15 -20.97
CA SER A 426 11.00 10.96 -21.68
C SER A 426 10.38 9.63 -21.29
N ALA A 427 11.21 8.60 -21.10
CA ALA A 427 10.68 7.30 -20.70
C ALA A 427 9.97 7.36 -19.36
N SER A 428 10.46 8.20 -18.45
CA SER A 428 9.82 8.32 -17.15
C SER A 428 8.39 8.85 -17.27
N VAL A 429 8.12 9.72 -18.25
CA VAL A 429 6.77 10.27 -18.40
C VAL A 429 5.83 9.21 -18.95
N MET A 430 6.29 8.44 -19.94
CA MET A 430 5.59 7.24 -20.38
C MET A 430 5.31 6.33 -19.20
N ALA A 431 6.35 6.05 -18.40
CA ALA A 431 6.16 5.23 -17.21
C ALA A 431 5.11 5.83 -16.28
N ALA A 432 5.18 7.15 -16.05
CA ALA A 432 4.25 7.78 -15.12
C ALA A 432 2.83 7.82 -15.65
N THR A 433 2.64 7.73 -16.96
CA THR A 433 1.28 7.62 -17.47
C THR A 433 0.65 6.28 -17.07
N LEU A 434 1.43 5.20 -17.12
CA LEU A 434 0.97 3.92 -16.59
C LEU A 434 0.74 4.00 -15.07
N ALA A 435 1.57 4.78 -14.36
CA ALA A 435 1.33 5.04 -12.94
C ALA A 435 0.03 5.83 -12.66
N ASN A 436 -0.45 6.62 -13.63
CA ASN A 436 -1.51 7.61 -13.42
C ASN A 436 -2.81 7.28 -14.17
N GLY A 437 -3.09 6.00 -14.40
CA GLY A 437 -4.38 5.61 -14.95
C GLY A 437 -4.65 5.98 -16.40
N GLY A 438 -3.60 6.16 -17.20
CA GLY A 438 -3.74 6.53 -18.59
C GLY A 438 -3.62 8.02 -18.87
N PHE A 439 -3.46 8.83 -17.83
CA PHE A 439 -3.39 10.27 -17.99
C PHE A 439 -1.93 10.72 -17.89
N CYS A 440 -1.52 11.51 -18.85
CA CYS A 440 -0.14 11.96 -18.84
C CYS A 440 0.00 12.99 -17.73
N PRO A 441 0.91 12.79 -16.78
CA PRO A 441 1.00 13.73 -15.65
C PRO A 441 1.28 15.17 -16.07
N ILE A 442 2.13 15.39 -17.08
CA ILE A 442 2.56 16.74 -17.41
C ILE A 442 1.69 17.42 -18.46
N THR A 443 0.67 16.75 -19.00
CA THR A 443 -0.29 17.41 -19.89
C THR A 443 -1.74 17.22 -19.51
N GLY A 444 -2.06 16.27 -18.64
CA GLY A 444 -3.45 16.04 -18.31
C GLY A 444 -4.26 15.26 -19.32
N GLU A 445 -3.69 14.95 -20.49
CA GLU A 445 -4.45 14.26 -21.51
C GLU A 445 -4.74 12.81 -21.08
N ARG A 446 -5.97 12.37 -21.32
CA ARG A 446 -6.31 10.95 -21.21
C ARG A 446 -5.76 10.24 -22.43
N VAL A 447 -4.72 9.43 -22.24
CA VAL A 447 -4.10 8.70 -23.35
C VAL A 447 -4.56 7.26 -23.42
N LEU A 448 -4.49 6.55 -22.32
CA LEU A 448 -4.76 5.12 -22.35
C LEU A 448 -6.00 4.83 -21.51
N SER A 449 -6.77 3.84 -21.96
CA SER A 449 -7.96 3.47 -21.20
C SER A 449 -7.55 2.91 -19.83
N PRO A 450 -8.41 3.00 -18.82
CA PRO A 450 -8.02 2.42 -17.54
C PRO A 450 -7.81 0.93 -17.68
N GLU A 451 -8.61 0.29 -18.54
CA GLU A 451 -8.50 -1.15 -18.77
C GLU A 451 -7.16 -1.49 -19.40
N ALA A 452 -6.71 -0.68 -20.35
CA ALA A 452 -5.41 -0.94 -20.96
C ALA A 452 -4.28 -0.84 -19.93
N VAL A 453 -4.37 0.12 -19.01
CA VAL A 453 -3.28 0.34 -18.06
C VAL A 453 -3.25 -0.77 -17.02
N ARG A 454 -4.41 -1.12 -16.45
CA ARG A 454 -4.48 -2.20 -15.47
C ARG A 454 -3.92 -3.50 -16.04
N ASN A 455 -4.38 -3.90 -17.23
CA ASN A 455 -3.86 -5.10 -17.87
C ASN A 455 -2.34 -5.02 -18.03
N THR A 456 -1.86 -3.86 -18.52
CA THR A 456 -0.43 -3.68 -18.78
C THR A 456 0.40 -3.77 -17.51
N LEU A 457 -0.04 -3.12 -16.42
CA LEU A 457 0.73 -3.19 -15.19
C LEU A 457 0.76 -4.62 -14.65
N SER A 458 -0.40 -5.32 -14.66
CA SER A 458 -0.44 -6.71 -14.19
C SER A 458 0.63 -7.52 -14.83
N LEU A 459 0.62 -7.57 -16.15
CA LEU A 459 1.54 -8.45 -16.86
C LEU A 459 2.98 -7.98 -16.70
N MET A 460 3.20 -6.68 -16.49
CA MET A 460 4.57 -6.26 -16.21
C MET A 460 5.04 -6.81 -14.88
N HIS A 461 4.18 -6.74 -13.86
CA HIS A 461 4.47 -7.24 -12.52
C HIS A 461 4.81 -8.72 -12.55
N SER A 462 4.14 -9.50 -13.41
CA SER A 462 4.32 -10.94 -13.38
C SER A 462 5.20 -11.50 -14.49
N CYS A 463 5.37 -10.78 -15.62
CA CYS A 463 6.19 -11.28 -16.72
C CYS A 463 7.19 -10.25 -17.27
N GLY A 464 7.54 -9.23 -16.51
CA GLY A 464 8.23 -8.13 -17.14
C GLY A 464 9.75 -8.17 -17.15
N MET A 465 10.37 -9.03 -16.34
CA MET A 465 11.82 -9.03 -16.13
C MET A 465 12.48 -10.37 -16.51
N TYR A 466 12.09 -10.93 -17.66
CA TYR A 466 12.72 -12.13 -18.19
C TYR A 466 12.58 -13.26 -17.16
N ASP A 467 13.56 -14.16 -17.08
CA ASP A 467 13.45 -15.23 -16.12
C ASP A 467 13.52 -14.74 -14.68
N PHE A 468 13.74 -13.45 -14.47
CA PHE A 468 13.77 -12.88 -13.12
C PHE A 468 12.41 -12.35 -12.67
N SER A 469 11.34 -12.56 -13.43
CA SER A 469 10.07 -11.88 -13.14
C SER A 469 9.46 -12.31 -11.81
N GLY A 470 9.43 -13.62 -11.53
CA GLY A 470 8.87 -14.05 -10.26
C GLY A 470 9.63 -13.56 -9.05
N GLN A 471 10.95 -13.57 -9.11
CA GLN A 471 11.75 -13.09 -7.98
C GLN A 471 11.60 -11.59 -7.81
N PHE A 472 11.68 -10.84 -8.91
CA PHE A 472 11.39 -9.42 -8.86
C PHE A 472 10.00 -9.18 -8.29
N ALA A 473 9.02 -9.97 -8.74
CA ALA A 473 7.69 -9.85 -8.14
C ALA A 473 7.74 -10.18 -6.65
N PHE A 474 8.59 -11.03 -6.16
CA PHE A 474 8.58 -11.27 -4.73
C PHE A 474 9.26 -10.23 -3.89
N HIS A 475 10.42 -9.71 -4.33
CA HIS A 475 11.17 -8.78 -3.47
C HIS A 475 10.91 -7.32 -3.76
N VAL A 476 10.63 -6.97 -5.02
CA VAL A 476 10.52 -5.58 -5.36
C VAL A 476 9.06 -5.28 -5.48
N GLY A 477 8.32 -6.19 -6.08
CA GLY A 477 6.89 -5.99 -6.14
C GLY A 477 6.40 -4.79 -6.92
N LEU A 478 7.13 -4.36 -7.93
CA LEU A 478 6.65 -3.28 -8.80
C LEU A 478 6.39 -3.78 -10.20
N PRO A 479 5.52 -3.12 -10.95
CA PRO A 479 5.41 -3.39 -12.39
C PRO A 479 6.60 -2.75 -13.11
N ALA A 480 7.44 -3.57 -13.72
CA ALA A 480 8.60 -3.11 -14.47
C ALA A 480 8.70 -3.86 -15.79
N LYS A 481 9.60 -3.40 -16.65
CA LYS A 481 9.93 -4.07 -17.90
C LYS A 481 11.36 -3.74 -18.25
N SER A 482 12.15 -4.74 -18.59
CA SER A 482 13.54 -4.53 -18.92
C SER A 482 13.76 -4.77 -20.40
N GLY A 483 14.88 -4.21 -20.88
CA GLY A 483 15.20 -4.29 -22.29
C GLY A 483 16.69 -4.49 -22.48
N VAL A 484 17.07 -4.88 -23.71
CA VAL A 484 18.43 -5.32 -23.97
C VAL A 484 19.43 -4.17 -24.07
N ALA A 485 18.96 -2.92 -24.15
CA ALA A 485 19.85 -1.75 -24.10
C ALA A 485 20.16 -1.31 -22.68
N GLY A 486 19.61 -2.00 -21.67
CA GLY A 486 19.83 -1.64 -20.29
C GLY A 486 18.74 -0.79 -19.66
N GLY A 487 17.60 -0.60 -20.35
CA GLY A 487 16.51 0.16 -19.77
C GLY A 487 15.66 -0.75 -18.89
N ILE A 488 15.15 -0.18 -17.80
CA ILE A 488 14.13 -0.81 -16.97
C ILE A 488 12.99 0.20 -16.79
N LEU A 489 11.87 -0.05 -17.43
CA LEU A 489 10.73 0.85 -17.31
C LEU A 489 9.98 0.50 -16.03
N LEU A 490 9.92 1.45 -15.10
CA LEU A 490 9.41 1.18 -13.76
C LEU A 490 8.14 1.96 -13.48
N VAL A 491 7.18 1.33 -12.81
CA VAL A 491 5.95 2.00 -12.40
C VAL A 491 5.77 1.79 -10.90
N VAL A 492 5.47 2.86 -10.18
CA VAL A 492 5.06 2.71 -8.79
C VAL A 492 3.61 3.13 -8.77
N PRO A 493 2.66 2.21 -8.91
CA PRO A 493 1.26 2.61 -9.11
C PRO A 493 0.85 3.67 -8.11
N ASN A 494 0.24 4.74 -8.63
CA ASN A 494 -0.32 5.85 -7.88
C ASN A 494 0.71 6.83 -7.31
N VAL A 495 1.99 6.71 -7.68
CA VAL A 495 3.03 7.57 -7.12
C VAL A 495 3.92 8.10 -8.26
N MET A 496 4.67 7.22 -8.92
CA MET A 496 5.49 7.72 -10.02
C MET A 496 5.67 6.66 -11.10
N GLY A 497 6.14 7.14 -12.26
CA GLY A 497 6.79 6.35 -13.27
C GLY A 497 8.26 6.70 -13.25
N MET A 498 9.12 5.86 -13.83
CA MET A 498 10.56 6.04 -13.67
C MET A 498 11.26 5.22 -14.75
N MET A 499 12.39 5.75 -15.25
CA MET A 499 13.25 5.01 -16.18
C MET A 499 14.67 4.92 -15.63
N CYS A 500 15.23 3.73 -15.64
CA CYS A 500 16.64 3.51 -15.32
C CYS A 500 17.33 2.98 -16.57
N TRP A 501 18.60 3.32 -16.72
CA TRP A 501 19.36 2.98 -17.91
C TRP A 501 20.83 2.78 -17.56
N SER A 502 21.31 1.56 -17.78
CA SER A 502 22.72 1.23 -17.70
C SER A 502 22.94 0.00 -18.59
N PRO A 503 23.85 0.09 -19.57
CA PRO A 503 23.92 -0.92 -20.63
C PRO A 503 24.32 -2.31 -20.15
N PRO A 504 25.15 -2.47 -19.12
CA PRO A 504 25.59 -3.83 -18.75
C PRO A 504 24.47 -4.70 -18.18
N LEU A 505 24.14 -5.77 -18.90
CA LEU A 505 23.14 -6.71 -18.46
C LEU A 505 23.77 -7.86 -17.68
N ASP A 506 23.03 -8.40 -16.71
CA ASP A 506 23.46 -9.58 -15.98
C ASP A 506 23.11 -10.83 -16.80
N LYS A 507 23.28 -12.02 -16.20
CA LYS A 507 23.07 -13.26 -16.95
C LYS A 507 21.65 -13.42 -17.47
N MET A 508 20.68 -12.70 -16.88
CA MET A 508 19.28 -12.86 -17.24
C MET A 508 18.77 -11.77 -18.15
N GLY A 509 19.62 -10.80 -18.50
CA GLY A 509 19.25 -9.79 -19.46
C GLY A 509 18.84 -8.46 -18.88
N ASN A 510 18.81 -8.34 -17.56
CA ASN A 510 18.38 -7.13 -16.89
C ASN A 510 19.59 -6.28 -16.52
N SER A 511 19.44 -4.96 -16.60
CA SER A 511 20.56 -4.08 -16.32
C SER A 511 21.02 -4.23 -14.87
N VAL A 512 22.32 -4.44 -14.67
CA VAL A 512 22.81 -4.74 -13.32
C VAL A 512 22.56 -3.58 -12.39
N LYS A 513 22.85 -2.36 -12.83
CA LYS A 513 22.63 -1.22 -11.95
C LYS A 513 21.14 -0.94 -11.75
N GLY A 514 20.30 -1.21 -12.75
CA GLY A 514 18.88 -0.97 -12.56
C GLY A 514 18.26 -1.91 -11.55
N ILE A 515 18.64 -3.19 -11.60
CA ILE A 515 18.13 -4.16 -10.64
C ILE A 515 18.58 -3.80 -9.21
N HIS A 516 19.84 -3.45 -9.04
CA HIS A 516 20.31 -3.02 -7.73
C HIS A 516 19.48 -1.83 -7.25
N PHE A 517 19.11 -0.96 -8.18
CA PHE A 517 18.38 0.24 -7.82
C PHE A 517 16.97 -0.09 -7.35
N CYS A 518 16.32 -1.05 -8.00
CA CYS A 518 14.94 -1.35 -7.66
C CYS A 518 14.85 -2.12 -6.35
N HIS A 519 15.83 -2.97 -6.05
CA HIS A 519 15.83 -3.62 -4.76
C HIS A 519 16.02 -2.58 -3.66
N ASP A 520 16.90 -1.61 -3.90
CA ASP A 520 17.19 -0.62 -2.87
C ASP A 520 16.01 0.31 -2.64
N LEU A 521 15.32 0.72 -3.71
CA LEU A 521 14.17 1.62 -3.58
C LEU A 521 13.14 1.04 -2.63
N VAL A 522 12.85 -0.25 -2.76
CA VAL A 522 11.81 -0.88 -1.95
C VAL A 522 12.34 -1.32 -0.59
N SER A 523 13.64 -1.58 -0.48
CA SER A 523 14.22 -1.69 0.84
C SER A 523 14.00 -0.40 1.62
N LEU A 524 14.16 0.74 0.95
CA LEU A 524 14.09 2.05 1.59
C LEU A 524 12.68 2.54 1.81
N CYS A 525 11.81 2.42 0.81
CA CYS A 525 10.47 2.97 0.89
C CYS A 525 9.42 1.87 0.85
N ASN A 526 8.21 2.24 1.25
CA ASN A 526 7.10 1.31 1.28
C ASN A 526 6.33 1.36 -0.05
N PHE A 527 7.06 1.02 -1.12
CA PHE A 527 6.47 1.02 -2.46
C PHE A 527 6.11 -0.37 -2.93
N HIS A 528 6.49 -1.40 -2.20
CA HIS A 528 6.13 -2.74 -2.63
C HIS A 528 4.63 -2.83 -2.79
N ASN A 529 4.24 -3.65 -3.72
CA ASN A 529 2.84 -3.72 -4.07
C ASN A 529 2.00 -4.29 -2.93
N TYR A 530 2.59 -5.11 -2.06
CA TYR A 530 1.89 -5.61 -0.89
C TYR A 530 2.54 -5.11 0.40
N ASP A 531 3.25 -4.00 0.34
CA ASP A 531 3.51 -3.25 1.55
C ASP A 531 2.21 -2.65 2.04
N ASN A 532 2.14 -2.42 3.35
CA ASN A 532 1.01 -1.73 3.91
C ASN A 532 1.24 -0.22 3.85
N LEU A 533 0.16 0.56 3.72
CA LEU A 533 0.31 2.02 3.73
C LEU A 533 -0.05 2.63 5.06
N ARG A 534 -0.15 1.82 6.12
CA ARG A 534 -0.55 2.30 7.44
C ARG A 534 0.48 1.81 8.43
N HIS A 535 0.79 0.52 8.39
CA HIS A 535 1.82 -0.05 9.23
C HIS A 535 2.92 -0.65 8.36
N PHE A 536 3.95 0.16 8.03
CA PHE A 536 5.01 -0.25 7.11
C PHE A 536 6.40 -0.28 7.76
N ALA A 537 6.48 -0.23 9.10
CA ALA A 537 7.73 -0.42 9.85
C ALA A 537 8.72 0.72 9.63
N LYS A 538 9.99 0.37 9.45
CA LYS A 538 11.08 1.33 9.36
C LYS A 538 11.19 1.95 7.99
N LYS A 539 10.31 1.62 7.07
CA LYS A 539 10.39 2.17 5.72
C LYS A 539 9.93 3.63 5.71
N LEU A 540 10.50 4.41 4.77
CA LEU A 540 10.08 5.77 4.54
C LEU A 540 8.86 5.74 3.65
N ASP A 541 7.90 6.64 3.91
CA ASP A 541 6.74 6.80 3.03
C ASP A 541 6.80 8.19 2.41
N PRO A 542 7.31 8.32 1.18
CA PRO A 542 7.42 9.65 0.56
C PRO A 542 6.08 10.30 0.27
N ARG A 543 4.97 9.59 0.37
CA ARG A 543 3.68 10.24 0.27
C ARG A 543 3.35 11.06 1.51
N ARG A 544 4.12 10.91 2.58
CA ARG A 544 3.84 11.62 3.80
C ARG A 544 5.07 12.44 4.16
N GLU A 545 4.90 13.28 5.17
CA GLU A 545 5.84 14.35 5.48
C GLU A 545 6.91 13.97 6.49
N GLY A 546 6.80 12.84 7.14
CA GLY A 546 7.61 12.70 8.34
C GLY A 546 6.86 13.27 9.52
N GLY A 547 5.65 12.75 9.72
CA GLY A 547 4.79 13.13 10.85
C GLY A 547 4.19 11.84 11.36
N ASP A 548 5.01 10.81 11.45
CA ASP A 548 4.56 9.55 12.07
C ASP A 548 4.72 9.80 13.55
N GLN A 549 5.53 10.79 13.89
CA GLN A 549 5.63 11.18 15.30
C GLN A 549 4.45 12.09 15.60
N ARG A 550 3.94 12.80 14.59
CA ARG A 550 2.73 13.52 14.95
C ARG A 550 1.65 12.52 15.35
N VAL A 551 1.28 11.62 14.43
CA VAL A 551 0.22 10.66 14.71
C VAL A 551 0.47 9.88 16.00
N LYS A 552 1.70 9.40 16.22
CA LYS A 552 1.98 8.68 17.45
C LYS A 552 1.62 9.54 18.66
N SER A 553 2.12 10.77 18.70
CA SER A 553 1.67 11.71 19.70
C SER A 553 0.27 12.24 19.40
N VAL A 554 0.01 12.63 18.13
CA VAL A 554 -1.10 13.51 17.71
C VAL A 554 -2.45 12.87 17.93
N ILE A 555 -2.49 12.00 18.93
CA ILE A 555 -3.72 11.68 19.63
C ILE A 555 -3.37 10.42 20.34
N ASN A 556 -2.61 9.60 19.63
CA ASN A 556 -2.60 8.22 20.04
C ASN A 556 -2.13 8.10 21.48
N LEU A 557 -0.96 8.58 21.79
CA LEU A 557 -0.61 8.36 23.19
C LEU A 557 -1.11 9.47 24.09
N LEU A 558 -0.93 10.73 23.71
CA LEU A 558 -1.21 11.78 24.68
C LEU A 558 -2.69 12.16 24.73
N PHE A 559 -3.41 12.15 23.60
CA PHE A 559 -4.83 12.47 23.70
C PHE A 559 -5.61 11.34 24.34
N ALA A 560 -5.21 10.09 24.12
CA ALA A 560 -5.83 8.99 24.82
C ALA A 560 -5.53 9.09 26.31
N ALA A 561 -4.28 9.37 26.65
CA ALA A 561 -3.94 9.65 28.05
C ALA A 561 -4.75 10.82 28.56
N TYR A 562 -4.95 11.84 27.72
CA TYR A 562 -5.67 13.02 28.16
C TYR A 562 -7.13 12.70 28.47
N THR A 563 -7.83 12.05 27.55
CA THR A 563 -9.23 11.75 27.79
C THR A 563 -9.44 10.62 28.78
N GLY A 564 -8.37 9.96 29.21
CA GLY A 564 -8.47 8.83 30.10
C GLY A 564 -8.81 7.52 29.43
N ASP A 565 -8.78 7.46 28.10
CA ASP A 565 -9.15 6.23 27.42
C ASP A 565 -8.11 5.16 27.65
N VAL A 566 -8.28 4.37 28.71
CA VAL A 566 -7.35 3.28 28.96
C VAL A 566 -7.53 2.20 27.88
N SER A 567 -8.74 2.03 27.34
CA SER A 567 -8.94 1.03 26.31
C SER A 567 -8.09 1.32 25.07
N ALA A 568 -8.04 2.60 24.66
CA ALA A 568 -7.19 2.98 23.53
C ALA A 568 -5.72 2.71 23.84
N LEU A 569 -5.28 3.02 25.05
CA LEU A 569 -3.88 2.76 25.40
C LEU A 569 -3.56 1.27 25.39
N ARG A 570 -4.51 0.43 25.79
CA ARG A 570 -4.28 -1.01 25.74
C ARG A 570 -4.03 -1.47 24.31
N ARG A 571 -4.85 -0.99 23.37
CA ARG A 571 -4.62 -1.32 21.97
C ARG A 571 -3.26 -0.81 21.48
N PHE A 572 -2.86 0.40 21.89
CA PHE A 572 -1.56 0.90 21.44
C PHE A 572 -0.42 0.03 21.97
N ALA A 573 -0.51 -0.38 23.23
CA ALA A 573 0.52 -1.25 23.76
C ALA A 573 0.58 -2.56 22.98
N LEU A 574 -0.58 -3.16 22.70
CA LEU A 574 -0.63 -4.40 21.93
C LEU A 574 -0.14 -4.20 20.51
N SER A 575 -0.30 -2.99 19.95
CA SER A 575 0.33 -2.63 18.69
C SER A 575 1.85 -2.63 18.73
N ALA A 576 2.45 -2.77 19.92
CA ALA A 576 3.89 -2.64 20.16
C ALA A 576 4.41 -1.22 19.88
N MET A 577 3.53 -0.23 19.90
CA MET A 577 3.90 1.18 19.83
C MET A 577 4.83 1.57 20.97
N ASP A 578 5.77 2.49 20.69
CA ASP A 578 6.60 3.06 21.75
C ASP A 578 5.74 3.93 22.65
N MET A 579 5.53 3.48 23.88
CA MET A 579 4.67 4.17 24.84
C MET A 579 5.37 5.31 25.57
N GLU A 580 6.64 5.59 25.29
CA GLU A 580 7.32 6.72 25.89
C GLU A 580 7.50 7.87 24.90
N GLN A 581 6.64 7.94 23.87
CA GLN A 581 6.73 9.03 22.91
C GLN A 581 6.58 10.34 23.64
N ARG A 582 7.45 11.30 23.30
CA ARG A 582 7.40 12.66 23.81
C ARG A 582 6.84 13.59 22.75
N ASP A 583 6.14 14.62 23.20
CA ASP A 583 5.80 15.71 22.30
C ASP A 583 6.90 16.77 22.32
N TYR A 584 6.59 17.92 21.74
CA TYR A 584 7.52 19.04 21.65
C TYR A 584 7.85 19.65 23.00
N ASP A 585 7.06 19.36 24.04
CA ASP A 585 7.33 19.81 25.40
C ASP A 585 7.97 18.72 26.23
N SER A 586 8.60 17.75 25.58
CA SER A 586 9.11 16.53 26.21
C SER A 586 8.11 15.85 27.12
N ARG A 587 6.81 15.97 26.81
CA ARG A 587 5.77 15.38 27.63
C ARG A 587 5.47 13.95 27.23
N THR A 588 4.95 13.20 28.19
CA THR A 588 4.75 11.77 28.14
C THR A 588 3.28 11.46 28.38
N ALA A 589 2.81 10.33 27.87
CA ALA A 589 1.47 9.92 28.27
C ALA A 589 1.33 9.95 29.79
N LEU A 590 2.30 9.37 30.51
CA LEU A 590 2.29 9.39 31.97
C LEU A 590 2.16 10.81 32.53
N HIS A 591 2.96 11.76 32.00
CA HIS A 591 2.79 13.17 32.36
C HIS A 591 1.33 13.58 32.28
N VAL A 592 0.74 13.47 31.09
CA VAL A 592 -0.60 14.01 30.86
C VAL A 592 -1.62 13.34 31.76
N ALA A 593 -1.52 12.01 31.91
CA ALA A 593 -2.51 11.29 32.71
C ALA A 593 -2.39 11.65 34.18
N ALA A 594 -1.18 11.96 34.65
CA ALA A 594 -1.01 12.41 36.03
C ALA A 594 -1.62 13.79 36.22
N ALA A 595 -1.29 14.73 35.33
CA ALA A 595 -1.80 16.08 35.48
C ALA A 595 -3.32 16.12 35.46
N GLU A 596 -3.95 15.17 34.77
CA GLU A 596 -5.39 15.03 34.77
C GLU A 596 -5.90 14.08 35.85
N GLY A 597 -5.02 13.49 36.63
CA GLY A 597 -5.45 12.59 37.68
C GLY A 597 -6.14 11.33 37.20
N HIS A 598 -5.60 10.67 36.17
CA HIS A 598 -6.23 9.48 35.58
C HIS A 598 -5.58 8.23 36.17
N VAL A 599 -6.23 7.68 37.20
CA VAL A 599 -5.62 6.65 38.02
C VAL A 599 -5.51 5.34 37.24
N GLU A 600 -6.54 4.98 36.49
CA GLU A 600 -6.41 3.72 35.78
C GLU A 600 -5.52 3.85 34.56
N VAL A 601 -5.27 5.07 34.07
CA VAL A 601 -4.29 5.24 33.01
C VAL A 601 -2.87 5.12 33.57
N VAL A 602 -2.62 5.77 34.71
CA VAL A 602 -1.30 5.73 35.35
C VAL A 602 -0.90 4.30 35.68
N LYS A 603 -1.80 3.54 36.30
CA LYS A 603 -1.45 2.18 36.67
C LYS A 603 -1.19 1.33 35.44
N PHE A 604 -2.04 1.45 34.42
CA PHE A 604 -1.80 0.70 33.20
C PHE A 604 -0.44 1.04 32.61
N LEU A 605 -0.08 2.32 32.59
CA LEU A 605 1.21 2.70 32.03
C LEU A 605 2.36 2.16 32.88
N LEU A 606 2.20 2.14 34.21
CA LEU A 606 3.23 1.67 35.12
C LEU A 606 3.21 0.14 35.32
N GLU A 607 2.06 -0.42 35.74
CA GLU A 607 2.01 -1.82 36.13
C GLU A 607 2.06 -2.74 34.92
N ALA A 608 1.23 -2.46 33.91
CA ALA A 608 1.43 -3.00 32.57
C ALA A 608 2.39 -2.02 31.86
N CYS A 609 2.81 -2.31 30.63
CA CYS A 609 3.70 -1.36 29.92
C CYS A 609 5.06 -1.05 30.56
N LYS A 610 5.08 -0.84 31.89
CA LYS A 610 6.32 -0.65 32.67
C LYS A 610 7.13 0.55 32.21
N VAL A 611 6.45 1.67 31.95
CA VAL A 611 7.11 2.84 31.39
C VAL A 611 7.93 3.56 32.45
N ASN A 612 8.91 4.35 31.98
CA ASN A 612 9.73 5.21 32.83
C ASN A 612 8.82 5.91 33.82
N PRO A 613 9.03 5.70 35.12
CA PRO A 613 8.12 6.30 36.12
C PRO A 613 8.41 7.76 36.43
N PHE A 614 9.61 8.25 36.16
CA PHE A 614 9.97 9.65 36.43
C PHE A 614 10.63 10.30 35.21
N PRO A 615 9.98 10.29 34.06
CA PRO A 615 10.53 11.09 32.96
C PRO A 615 10.37 12.56 33.27
N LYS A 616 11.34 13.36 32.82
CA LYS A 616 11.38 14.78 33.14
C LYS A 616 10.96 15.52 31.88
N ASP A 617 9.92 16.34 31.99
CA ASP A 617 9.51 17.18 30.87
C ASP A 617 10.40 18.41 30.77
N ARG A 618 10.23 19.16 29.69
CA ARG A 618 10.67 20.55 29.68
C ARG A 618 10.12 21.14 30.97
N TRP A 619 10.92 21.90 31.70
CA TRP A 619 10.61 22.39 33.08
C TRP A 619 10.93 21.32 34.15
N ASN A 620 11.45 20.14 33.76
CA ASN A 620 11.94 19.08 34.66
C ASN A 620 10.88 18.52 35.59
N ASN A 621 9.63 18.46 35.17
CA ASN A 621 8.60 17.90 36.04
C ASN A 621 8.52 16.40 35.80
N THR A 622 8.32 15.68 36.85
CA THR A 622 8.02 14.28 36.70
C THR A 622 6.54 14.10 36.78
N PRO A 623 6.01 12.99 36.31
CA PRO A 623 4.58 12.75 36.50
C PRO A 623 4.14 12.95 37.95
N MET A 624 4.97 12.54 38.93
CA MET A 624 4.62 12.75 40.34
C MET A 624 4.50 14.24 40.68
N ASP A 625 5.45 15.07 40.21
CA ASP A 625 5.33 16.52 40.36
C ASP A 625 3.99 17.01 39.85
N GLU A 626 3.59 16.56 38.67
CA GLU A 626 2.33 17.00 38.09
C GLU A 626 1.17 16.64 39.00
N ALA A 627 1.22 15.43 39.58
CA ALA A 627 0.15 15.01 40.47
C ALA A 627 0.07 15.91 41.69
N LEU A 628 1.23 16.22 42.28
CA LEU A 628 1.25 17.08 43.46
C LEU A 628 0.67 18.45 43.14
N HIS A 629 1.19 19.11 42.11
CA HIS A 629 0.72 20.42 41.66
C HIS A 629 -0.81 20.50 41.59
N PHE A 630 -1.46 19.48 41.01
CA PHE A 630 -2.86 19.56 40.64
C PHE A 630 -3.78 18.75 41.54
N GLY A 631 -3.32 18.35 42.73
CA GLY A 631 -4.16 17.53 43.62
C GLY A 631 -3.90 16.03 43.39
N HIS A 632 -4.87 15.35 42.79
CA HIS A 632 -4.77 13.92 42.43
C HIS A 632 -3.94 13.14 43.45
N HIS A 633 -4.46 13.11 44.68
CA HIS A 633 -3.75 12.51 45.79
C HIS A 633 -3.50 11.04 45.52
N ASP A 634 -4.52 10.33 45.03
CA ASP A 634 -4.35 8.92 44.69
C ASP A 634 -3.26 8.73 43.65
N VAL A 635 -3.22 9.58 42.62
CA VAL A 635 -2.17 9.48 41.61
C VAL A 635 -0.80 9.73 42.23
N PHE A 636 -0.70 10.80 43.04
CA PHE A 636 0.55 11.06 43.76
C PHE A 636 0.98 9.85 44.57
N LYS A 637 0.03 9.25 45.33
CA LYS A 637 0.34 8.08 46.12
C LYS A 637 0.84 6.93 45.24
N ILE A 638 0.10 6.63 44.17
CA ILE A 638 0.53 5.59 43.24
C ILE A 638 2.00 5.78 42.87
N LEU A 639 2.33 6.96 42.34
CA LEU A 639 3.68 7.22 41.84
C LEU A 639 4.73 7.31 42.93
N GLN A 640 4.33 7.73 44.14
CA GLN A 640 5.27 7.85 45.26
C GLN A 640 5.97 6.52 45.53
N GLU A 641 5.27 5.40 45.35
CA GLU A 641 5.92 4.11 45.54
C GLU A 641 7.12 3.95 44.59
N TYR A 642 7.10 4.59 43.42
CA TYR A 642 8.23 4.36 42.53
C TYR A 642 9.42 5.24 42.86
N GLN A 643 9.37 6.00 43.94
CA GLN A 643 10.37 7.02 44.24
C GLN A 643 11.65 6.44 44.86
N VAL A 644 12.79 7.06 44.54
CA VAL A 644 14.07 6.61 45.06
C VAL A 644 14.97 7.78 45.49
N LEU B 136 -11.70 24.42 25.19
CA LEU B 136 -11.67 22.98 24.96
C LEU B 136 -13.02 22.23 25.12
N PRO B 137 -14.15 22.74 24.49
CA PRO B 137 -15.39 21.93 24.42
C PRO B 137 -15.19 20.44 24.18
N SER B 138 -15.59 19.65 25.18
CA SER B 138 -15.14 18.29 25.40
C SER B 138 -15.54 17.32 24.28
N LEU B 139 -14.65 16.37 24.01
CA LEU B 139 -14.88 15.38 22.94
C LEU B 139 -16.16 14.60 23.15
N GLU B 140 -16.52 14.32 24.39
CA GLU B 140 -17.73 13.54 24.63
C GLU B 140 -18.97 14.33 24.23
N ASP B 141 -19.07 15.59 24.64
CA ASP B 141 -20.22 16.37 24.19
C ASP B 141 -20.14 16.67 22.70
N LEU B 142 -18.95 16.98 22.19
CA LEU B 142 -18.79 17.25 20.76
C LEU B 142 -19.45 16.17 19.93
N LEU B 143 -19.28 14.92 20.34
CA LEU B 143 -19.99 13.82 19.70
C LEU B 143 -21.48 13.82 20.04
N PHE B 144 -21.83 14.14 21.30
CA PHE B 144 -23.23 14.27 21.68
C PHE B 144 -23.96 15.19 20.72
N TYR B 145 -23.38 16.36 20.46
CA TYR B 145 -24.00 17.29 19.53
C TYR B 145 -24.12 16.67 18.14
N THR B 146 -23.16 15.81 17.77
CA THR B 146 -23.24 15.10 16.49
C THR B 146 -24.47 14.20 16.43
N ILE B 147 -24.72 13.42 17.50
CA ILE B 147 -25.90 12.55 17.46
C ILE B 147 -27.17 13.33 17.79
N ALA B 148 -27.14 14.16 18.84
CA ALA B 148 -28.31 14.94 19.27
C ALA B 148 -28.47 16.17 18.38
N GLU B 149 -29.19 16.00 17.27
CA GLU B 149 -29.43 17.10 16.34
C GLU B 149 -30.39 18.12 16.94
N GLY B 150 -30.03 18.68 18.10
CA GLY B 150 -30.85 19.66 18.78
C GLY B 150 -31.68 19.13 19.94
N GLN B 151 -31.74 17.82 20.15
CA GLN B 151 -32.53 17.27 21.23
C GLN B 151 -31.72 17.40 22.51
N GLU B 152 -32.39 17.77 23.60
CA GLU B 152 -31.70 17.90 24.88
C GLU B 152 -31.16 16.55 25.38
N LYS B 153 -31.84 15.45 25.06
CA LYS B 153 -31.43 14.12 25.45
C LYS B 153 -31.53 13.15 24.27
N ILE B 154 -30.64 12.17 24.25
CA ILE B 154 -30.54 11.18 23.17
C ILE B 154 -31.13 9.85 23.69
N PRO B 155 -32.08 9.25 22.98
CA PRO B 155 -32.50 7.90 23.34
C PRO B 155 -31.39 6.90 23.11
N VAL B 156 -31.37 5.86 23.95
CA VAL B 156 -30.31 4.86 23.88
C VAL B 156 -30.32 4.16 22.53
N HIS B 157 -31.52 3.91 21.97
CA HIS B 157 -31.59 3.19 20.70
C HIS B 157 -31.15 4.04 19.51
N LYS B 158 -31.26 5.37 19.61
CA LYS B 158 -30.72 6.23 18.56
C LYS B 158 -29.21 6.11 18.49
N PHE B 159 -28.55 6.09 19.65
CA PHE B 159 -27.10 5.94 19.68
C PHE B 159 -26.68 4.61 19.06
N ILE B 160 -27.36 3.53 19.43
CA ILE B 160 -26.95 2.22 18.95
C ILE B 160 -27.07 2.14 17.43
N THR B 161 -28.19 2.60 16.87
CA THR B 161 -28.31 2.48 15.42
C THR B 161 -27.37 3.43 14.71
N ALA B 162 -27.11 4.62 15.28
CA ALA B 162 -26.07 5.48 14.73
C ALA B 162 -24.72 4.78 14.79
N LEU B 163 -24.40 4.22 15.95
CA LEU B 163 -23.20 3.42 16.11
C LEU B 163 -23.10 2.34 15.05
N LYS B 164 -24.09 1.45 14.98
CA LYS B 164 -24.08 0.36 14.02
C LYS B 164 -23.99 0.88 12.59
N SER B 165 -24.36 2.14 12.35
CA SER B 165 -24.37 2.70 11.00
C SER B 165 -22.96 2.95 10.46
N THR B 166 -21.99 3.14 11.36
CA THR B 166 -20.59 3.19 11.00
C THR B 166 -20.03 1.82 10.65
N GLY B 167 -20.73 0.77 11.02
CA GLY B 167 -20.27 -0.58 10.76
C GLY B 167 -19.65 -1.24 11.96
N LEU B 168 -19.38 -0.51 13.03
CA LEU B 168 -19.05 -1.16 14.28
C LEU B 168 -20.20 -2.03 14.72
N ARG B 169 -19.87 -3.17 15.30
CA ARG B 169 -20.84 -4.02 15.98
C ARG B 169 -20.80 -3.69 17.46
N THR B 170 -21.94 -3.85 18.11
CA THR B 170 -21.97 -3.66 19.56
C THR B 170 -21.21 -4.76 20.30
N SER B 171 -20.96 -5.91 19.67
CA SER B 171 -20.15 -6.96 20.27
C SER B 171 -18.64 -6.67 20.20
N ASP B 172 -18.22 -5.66 19.42
CA ASP B 172 -16.83 -5.26 19.22
C ASP B 172 -16.12 -5.23 20.57
N PRO B 173 -15.02 -5.96 20.73
CA PRO B 173 -14.27 -5.88 21.99
C PRO B 173 -13.83 -4.48 22.34
N ARG B 174 -13.58 -3.62 21.37
CA ARG B 174 -13.16 -2.25 21.66
C ARG B 174 -14.29 -1.35 22.16
N LEU B 175 -15.53 -1.87 22.24
CA LEU B 175 -16.68 -1.09 22.70
C LEU B 175 -17.28 -1.67 23.97
N LYS B 176 -16.60 -2.64 24.59
CA LYS B 176 -17.17 -3.33 25.76
C LYS B 176 -17.40 -2.36 26.92
N GLU B 177 -16.41 -1.53 27.25
CA GLU B 177 -16.61 -0.57 28.33
C GLU B 177 -17.85 0.28 28.09
N CYS B 178 -18.07 0.70 26.85
CA CYS B 178 -19.20 1.58 26.59
C CYS B 178 -20.53 0.84 26.69
N MET B 179 -20.59 -0.39 26.15
CA MET B 179 -21.83 -1.17 26.25
C MET B 179 -22.13 -1.58 27.69
N ASP B 180 -21.10 -1.89 28.48
CA ASP B 180 -21.32 -2.19 29.89
C ASP B 180 -22.05 -1.05 30.59
N MET B 181 -21.57 0.18 30.40
CA MET B 181 -22.23 1.32 31.01
C MET B 181 -23.63 1.53 30.44
N LEU B 182 -23.80 1.39 29.12
CA LEU B 182 -25.14 1.48 28.57
C LEU B 182 -26.09 0.50 29.28
N ARG B 183 -25.66 -0.76 29.43
CA ARG B 183 -26.51 -1.72 30.13
C ARG B 183 -26.62 -1.38 31.62
N LEU B 184 -25.58 -0.74 32.19
CA LEU B 184 -25.60 -0.35 33.60
C LEU B 184 -26.41 0.91 33.89
N THR B 185 -26.89 1.62 32.85
CA THR B 185 -27.99 2.58 32.95
C THR B 185 -29.31 1.85 33.13
N LEU B 186 -29.27 0.68 33.77
CA LEU B 186 -30.47 -0.04 34.20
C LEU B 186 -30.30 -0.55 35.63
N VAL B 193 -35.87 5.49 28.71
CA VAL B 193 -34.44 5.17 28.60
C VAL B 193 -33.73 6.28 27.84
N MET B 194 -33.44 7.39 28.50
CA MET B 194 -33.00 8.58 27.78
C MET B 194 -31.68 9.11 28.35
N LEU B 195 -30.80 9.55 27.45
CA LEU B 195 -29.46 9.97 27.82
C LEU B 195 -29.33 11.47 27.58
N ASP B 196 -28.92 12.21 28.61
CA ASP B 196 -28.61 13.62 28.44
C ASP B 196 -27.10 13.83 28.38
N LYS B 197 -26.70 15.08 28.16
CA LYS B 197 -25.30 15.38 27.84
C LYS B 197 -24.34 14.80 28.85
N ASP B 198 -24.74 14.69 30.12
CA ASP B 198 -23.79 14.24 31.13
C ASP B 198 -23.93 12.76 31.47
N LEU B 199 -25.12 12.18 31.33
CA LEU B 199 -25.24 10.73 31.43
C LEU B 199 -24.55 10.05 30.26
N PHE B 200 -24.84 10.51 29.05
CA PHE B 200 -24.24 9.97 27.83
C PHE B 200 -22.73 10.08 27.86
N LYS B 201 -22.20 11.23 28.31
CA LYS B 201 -20.77 11.41 28.39
C LYS B 201 -20.11 10.39 29.31
N LYS B 202 -20.86 9.82 30.24
CA LYS B 202 -20.30 8.79 31.12
C LYS B 202 -20.16 7.45 30.40
N CYS B 203 -21.10 7.10 29.53
CA CYS B 203 -21.03 5.82 28.84
C CYS B 203 -19.92 5.82 27.79
N VAL B 204 -19.92 6.81 26.89
CA VAL B 204 -18.93 6.84 25.83
C VAL B 204 -17.52 7.24 26.28
N GLN B 205 -17.36 7.74 27.52
CA GLN B 205 -16.07 8.27 27.95
C GLN B 205 -14.95 7.27 27.79
N SER B 206 -15.22 6.00 28.08
CA SER B 206 -14.11 5.05 28.18
C SER B 206 -13.71 4.46 26.83
N ASN B 207 -14.54 4.60 25.82
CA ASN B 207 -14.17 4.26 24.47
C ASN B 207 -14.21 5.48 23.57
N ILE B 208 -13.84 6.65 24.10
CA ILE B 208 -14.08 7.90 23.38
C ILE B 208 -13.13 8.06 22.17
N VAL B 209 -11.97 7.42 22.15
CA VAL B 209 -11.08 7.57 21.01
C VAL B 209 -11.67 6.91 19.78
N LEU B 210 -12.07 5.65 19.92
CA LEU B 210 -12.64 4.91 18.78
C LEU B 210 -13.96 5.52 18.33
N LEU B 211 -14.84 5.88 19.27
CA LEU B 211 -16.12 6.49 18.89
C LEU B 211 -15.89 7.81 18.20
N THR B 212 -14.83 8.52 18.58
CA THR B 212 -14.52 9.75 17.88
C THR B 212 -14.21 9.45 16.43
N GLN B 213 -13.29 8.51 16.19
CA GLN B 213 -12.92 8.18 14.82
C GLN B 213 -14.09 7.58 14.03
N ALA B 214 -15.02 6.92 14.71
CA ALA B 214 -16.15 6.29 14.01
C ALA B 214 -17.18 7.32 13.56
N PHE B 215 -17.50 8.32 14.39
CA PHE B 215 -18.63 9.21 14.09
C PHE B 215 -18.22 10.47 13.35
N ARG B 216 -16.96 10.90 13.48
CA ARG B 216 -16.37 11.85 12.53
C ARG B 216 -16.29 11.17 11.16
N ARG B 217 -17.19 10.19 10.94
CA ARG B 217 -17.21 9.15 9.90
C ARG B 217 -15.89 9.23 9.14
N LYS B 218 -14.83 8.81 9.85
CA LYS B 218 -13.45 8.81 9.39
C LYS B 218 -12.85 7.39 9.43
N PHE B 219 -13.67 6.37 9.18
CA PHE B 219 -13.15 5.03 8.94
C PHE B 219 -12.70 4.89 7.49
N VAL B 220 -12.02 3.78 7.18
CA VAL B 220 -11.48 3.57 5.84
C VAL B 220 -12.59 3.59 4.79
N ILE B 221 -13.76 3.06 5.12
CA ILE B 221 -14.98 3.19 4.31
C ILE B 221 -15.96 4.06 5.08
N PRO B 222 -16.05 5.35 4.76
CA PRO B 222 -16.87 6.24 5.60
C PRO B 222 -18.35 5.96 5.50
N ASP B 223 -18.85 5.70 4.30
CA ASP B 223 -20.27 5.44 4.11
C ASP B 223 -20.47 3.94 4.02
N PHE B 224 -20.35 3.30 5.16
CA PHE B 224 -20.42 1.83 5.20
C PHE B 224 -21.79 1.31 4.79
N MET B 225 -22.87 2.01 5.16
CA MET B 225 -24.21 1.54 4.84
C MET B 225 -24.40 1.37 3.34
N SER B 226 -23.90 2.32 2.57
CA SER B 226 -24.05 2.21 1.14
C SER B 226 -23.07 1.19 0.57
N PHE B 227 -21.98 0.90 1.29
CA PHE B 227 -21.08 -0.18 0.89
C PHE B 227 -21.70 -1.54 1.14
N THR B 228 -22.38 -1.73 2.29
CA THR B 228 -22.90 -3.05 2.60
C THR B 228 -24.03 -3.46 1.68
N SER B 229 -24.72 -2.50 1.07
CA SER B 229 -25.75 -2.86 0.10
C SER B 229 -25.14 -3.44 -1.17
N HIS B 230 -24.02 -2.88 -1.61
CA HIS B 230 -23.32 -3.43 -2.76
C HIS B 230 -22.87 -4.86 -2.47
N ILE B 231 -22.29 -5.07 -1.28
CA ILE B 231 -21.91 -6.43 -0.88
C ILE B 231 -23.13 -7.33 -0.97
N ASP B 232 -24.29 -6.84 -0.52
CA ASP B 232 -25.49 -7.65 -0.57
C ASP B 232 -25.95 -7.91 -2.00
N GLU B 233 -25.85 -6.92 -2.89
CA GLU B 233 -26.18 -7.16 -4.28
C GLU B 233 -25.28 -8.23 -4.88
N LEU B 234 -23.96 -8.10 -4.68
CA LEU B 234 -23.02 -9.08 -5.22
C LEU B 234 -23.28 -10.47 -4.64
N TYR B 235 -23.63 -10.54 -3.36
CA TYR B 235 -23.95 -11.82 -2.76
C TYR B 235 -25.18 -12.42 -3.41
N GLU B 236 -26.23 -11.62 -3.59
CA GLU B 236 -27.47 -12.11 -4.17
C GLU B 236 -27.24 -12.60 -5.60
N SER B 237 -26.46 -11.85 -6.38
CA SER B 237 -26.17 -12.25 -7.74
C SER B 237 -25.39 -13.54 -7.80
N ALA B 238 -24.33 -13.65 -6.98
CA ALA B 238 -23.53 -14.87 -6.99
C ALA B 238 -24.33 -16.06 -6.51
N LYS B 239 -25.33 -15.82 -5.67
CA LYS B 239 -26.13 -16.92 -5.13
C LYS B 239 -26.87 -17.68 -6.22
N LYS B 240 -27.07 -17.08 -7.39
CA LYS B 240 -27.83 -17.69 -8.46
C LYS B 240 -27.02 -18.66 -9.31
N GLN B 241 -25.69 -18.64 -9.23
CA GLN B 241 -24.88 -19.65 -9.88
C GLN B 241 -24.94 -20.92 -9.05
N SER B 242 -25.40 -22.00 -9.66
CA SER B 242 -25.60 -23.25 -8.94
C SER B 242 -24.60 -24.33 -9.35
N GLY B 243 -23.69 -24.02 -10.28
CA GLY B 243 -22.73 -25.02 -10.74
C GLY B 243 -21.78 -25.48 -9.66
N GLY B 244 -21.06 -26.55 -9.98
CA GLY B 244 -19.98 -27.08 -9.17
C GLY B 244 -20.40 -28.27 -8.33
N LYS B 245 -19.41 -29.10 -7.99
CA LYS B 245 -19.62 -30.31 -7.20
C LYS B 245 -19.01 -30.15 -5.80
N VAL B 246 -19.80 -30.46 -4.77
CA VAL B 246 -19.27 -30.48 -3.40
C VAL B 246 -18.30 -31.64 -3.25
N ALA B 247 -17.19 -31.38 -2.57
CA ALA B 247 -16.13 -32.37 -2.39
C ALA B 247 -16.63 -33.54 -1.56
N ASP B 248 -16.58 -34.74 -2.14
CA ASP B 248 -16.98 -35.95 -1.44
C ASP B 248 -15.83 -36.88 -1.09
N TYR B 249 -14.57 -36.46 -1.36
CA TYR B 249 -13.43 -37.34 -1.09
C TYR B 249 -13.32 -37.70 0.40
N ILE B 250 -13.98 -36.94 1.28
CA ILE B 250 -14.22 -37.37 2.65
C ILE B 250 -15.69 -37.09 2.94
N PRO B 251 -16.35 -37.84 3.83
CA PRO B 251 -17.79 -37.61 4.05
C PRO B 251 -18.10 -36.29 4.77
N GLN B 252 -17.17 -35.78 5.60
CA GLN B 252 -17.40 -34.52 6.32
C GLN B 252 -17.48 -33.34 5.36
N LEU B 253 -16.84 -33.44 4.20
CA LEU B 253 -16.96 -32.43 3.15
C LEU B 253 -18.25 -32.58 2.35
N ALA B 254 -18.83 -33.79 2.32
CA ALA B 254 -20.08 -34.05 1.62
C ALA B 254 -21.32 -33.87 2.51
N LYS B 255 -21.15 -33.78 3.84
CA LYS B 255 -22.27 -33.58 4.75
C LYS B 255 -22.87 -32.18 4.63
N PHE B 256 -22.14 -31.26 3.98
CA PHE B 256 -22.53 -29.86 3.85
C PHE B 256 -23.47 -29.64 2.66
N SER B 257 -24.56 -28.91 2.89
CA SER B 257 -25.50 -28.64 1.83
C SER B 257 -24.84 -27.78 0.74
N PRO B 258 -25.10 -28.04 -0.53
CA PRO B 258 -24.58 -27.17 -1.59
C PRO B 258 -25.22 -25.79 -1.62
N ASP B 259 -26.22 -25.53 -0.81
CA ASP B 259 -26.89 -24.23 -0.80
C ASP B 259 -26.24 -23.25 0.17
N LEU B 260 -25.25 -23.72 0.93
CA LEU B 260 -24.57 -22.85 1.88
C LEU B 260 -23.76 -21.82 1.14
N TRP B 261 -23.92 -20.57 1.54
CA TRP B 261 -23.29 -19.43 0.89
C TRP B 261 -23.23 -18.31 1.90
N GLY B 262 -22.02 -17.89 2.26
CA GLY B 262 -21.85 -16.77 3.16
C GLY B 262 -20.68 -15.89 2.79
N VAL B 263 -20.86 -14.58 2.90
CA VAL B 263 -19.76 -13.65 2.78
C VAL B 263 -19.74 -12.77 4.04
N SER B 264 -18.55 -12.51 4.56
CA SER B 264 -18.45 -11.59 5.67
C SER B 264 -17.24 -10.69 5.45
N VAL B 265 -17.41 -9.43 5.82
CA VAL B 265 -16.47 -8.35 5.56
C VAL B 265 -15.95 -7.87 6.90
N CYS B 266 -14.64 -7.70 7.01
CA CYS B 266 -14.06 -6.99 8.13
C CYS B 266 -13.03 -6.01 7.60
N THR B 267 -13.23 -4.72 7.85
CA THR B 267 -12.33 -3.73 7.29
C THR B 267 -11.12 -3.55 8.20
N VAL B 268 -10.13 -2.80 7.71
CA VAL B 268 -8.94 -2.56 8.50
C VAL B 268 -9.27 -1.86 9.82
N ASP B 269 -10.43 -1.22 9.92
CA ASP B 269 -10.85 -0.49 11.10
C ASP B 269 -11.90 -1.23 11.90
N GLY B 270 -12.24 -2.47 11.53
CA GLY B 270 -13.15 -3.26 12.34
C GLY B 270 -14.62 -3.16 11.99
N GLN B 271 -14.96 -2.44 10.94
CA GLN B 271 -16.34 -2.49 10.47
C GLN B 271 -16.66 -3.91 9.99
N ARG B 272 -17.79 -4.42 10.41
CA ARG B 272 -18.17 -5.80 10.11
C ARG B 272 -19.44 -5.82 9.28
N HIS B 273 -19.56 -6.83 8.42
CA HIS B 273 -20.80 -7.05 7.69
C HIS B 273 -20.87 -8.51 7.24
N SER B 274 -22.05 -9.11 7.36
CA SER B 274 -22.23 -10.51 6.98
C SER B 274 -23.54 -10.69 6.23
N THR B 275 -23.51 -11.53 5.22
CA THR B 275 -24.71 -11.98 4.54
C THR B 275 -24.58 -13.47 4.26
N GLY B 276 -25.64 -14.21 4.54
CA GLY B 276 -25.64 -15.64 4.32
C GLY B 276 -25.13 -16.45 5.50
N ASP B 277 -24.62 -17.64 5.21
CA ASP B 277 -24.30 -18.62 6.24
C ASP B 277 -22.91 -18.36 6.81
N THR B 278 -22.83 -17.28 7.58
CA THR B 278 -21.55 -16.76 7.99
C THR B 278 -21.16 -17.18 9.39
N LYS B 279 -21.98 -17.95 10.09
CA LYS B 279 -21.59 -18.44 11.40
C LYS B 279 -21.54 -19.97 11.45
N VAL B 280 -21.53 -20.62 10.30
CA VAL B 280 -21.37 -22.08 10.22
C VAL B 280 -19.87 -22.41 10.22
N PRO B 281 -19.38 -23.22 11.15
CA PRO B 281 -17.99 -23.67 11.08
C PRO B 281 -17.74 -24.57 9.87
N PHE B 282 -16.60 -24.35 9.23
CA PHE B 282 -16.06 -25.25 8.23
C PHE B 282 -14.55 -25.31 8.41
N CYS B 283 -13.88 -26.21 7.68
CA CYS B 283 -12.43 -26.31 7.85
C CYS B 283 -11.67 -25.44 6.86
N LEU B 284 -10.53 -24.93 7.33
CA LEU B 284 -9.71 -24.05 6.51
C LEU B 284 -9.25 -24.80 5.26
N GLN B 285 -8.73 -26.00 5.45
CA GLN B 285 -8.14 -26.78 4.35
C GLN B 285 -7.01 -25.94 3.78
N SER B 286 -6.84 -25.89 2.46
CA SER B 286 -5.69 -25.19 1.92
C SER B 286 -5.78 -23.69 2.16
N CYS B 287 -6.88 -23.20 2.74
CA CYS B 287 -6.89 -21.82 3.18
C CYS B 287 -5.94 -21.58 4.32
N VAL B 288 -5.36 -22.62 4.91
CA VAL B 288 -4.41 -22.41 6.01
C VAL B 288 -2.99 -22.22 5.50
N LYS B 289 -2.74 -22.56 4.23
CA LYS B 289 -1.38 -22.50 3.70
C LYS B 289 -0.72 -21.13 3.84
N PRO B 290 -1.36 -20.01 3.46
CA PRO B 290 -0.72 -18.70 3.73
C PRO B 290 -0.57 -18.42 5.22
N LEU B 291 -1.55 -18.84 6.03
CA LEU B 291 -1.46 -18.55 7.45
C LEU B 291 -0.28 -19.26 8.09
N LYS B 292 -0.08 -20.55 7.77
CA LYS B 292 1.08 -21.19 8.37
C LYS B 292 2.39 -20.69 7.76
N TYR B 293 2.38 -20.29 6.48
CA TYR B 293 3.56 -19.67 5.88
C TYR B 293 3.91 -18.32 6.54
N ALA B 294 2.90 -17.51 6.86
CA ALA B 294 3.16 -16.24 7.58
C ALA B 294 3.78 -16.50 8.93
N ILE B 295 3.20 -17.43 9.69
CA ILE B 295 3.75 -17.78 10.99
C ILE B 295 5.22 -18.16 10.85
N ALA B 296 5.52 -19.07 9.92
CA ALA B 296 6.90 -19.48 9.71
C ALA B 296 7.78 -18.28 9.42
N VAL B 297 7.37 -17.43 8.46
CA VAL B 297 8.21 -16.31 8.05
C VAL B 297 8.34 -15.31 9.19
N ASN B 298 7.23 -15.05 9.89
CA ASN B 298 7.29 -14.17 11.05
C ASN B 298 8.29 -14.69 12.08
N ASP B 299 8.34 -15.99 12.29
CA ASP B 299 9.24 -16.55 13.30
C ASP B 299 10.68 -16.72 12.81
N LEU B 300 10.89 -17.03 11.52
CA LEU B 300 12.19 -17.49 11.03
C LEU B 300 12.86 -16.55 10.05
N GLY B 301 12.10 -15.70 9.34
CA GLY B 301 12.63 -14.79 8.36
C GLY B 301 12.63 -15.39 6.97
N THR B 302 12.61 -14.49 5.98
CA THR B 302 12.51 -14.89 4.58
C THR B 302 13.64 -15.82 4.16
N GLU B 303 14.89 -15.47 4.45
CA GLU B 303 15.99 -16.25 3.92
C GLU B 303 15.93 -17.69 4.42
N TYR B 304 15.65 -17.91 5.70
CA TYR B 304 15.53 -19.28 6.17
C TYR B 304 14.41 -20.02 5.44
N VAL B 305 13.18 -19.51 5.53
CA VAL B 305 12.02 -20.24 5.00
C VAL B 305 12.27 -20.66 3.56
N HIS B 306 12.78 -19.74 2.74
CA HIS B 306 12.93 -20.01 1.31
C HIS B 306 14.25 -20.68 0.95
N ARG B 307 15.06 -21.09 1.93
CA ARG B 307 16.02 -22.17 1.66
C ARG B 307 15.33 -23.49 1.37
N TYR B 308 14.06 -23.64 1.79
CA TYR B 308 13.34 -24.90 1.66
C TYR B 308 12.15 -24.85 0.72
N VAL B 309 11.78 -23.69 0.19
CA VAL B 309 10.61 -23.53 -0.64
C VAL B 309 10.83 -22.31 -1.54
N GLY B 310 10.33 -22.38 -2.77
CA GLY B 310 10.55 -21.31 -3.70
C GLY B 310 9.54 -20.19 -3.56
N LYS B 311 9.68 -19.19 -4.43
CA LYS B 311 8.80 -18.02 -4.38
C LYS B 311 8.20 -17.71 -5.74
N GLU B 312 8.01 -18.72 -6.59
CA GLU B 312 7.53 -18.43 -7.92
C GLU B 312 6.21 -19.15 -8.14
N PRO B 313 5.37 -18.62 -9.01
CA PRO B 313 4.24 -19.41 -9.52
C PRO B 313 4.78 -20.62 -10.26
N SER B 314 3.93 -21.64 -10.41
CA SER B 314 4.38 -22.84 -11.11
C SER B 314 4.58 -22.59 -12.60
N GLY B 315 3.68 -21.85 -13.25
CA GLY B 315 3.75 -21.67 -14.70
C GLY B 315 2.72 -22.52 -15.43
N LEU B 316 2.92 -23.83 -15.49
CA LEU B 316 1.99 -24.73 -16.23
C LEU B 316 1.83 -26.07 -15.49
N ARG B 317 2.41 -27.15 -16.02
CA ARG B 317 2.32 -28.50 -15.39
C ARG B 317 3.59 -28.74 -14.59
N PHE B 318 4.47 -27.74 -14.47
CA PHE B 318 5.60 -27.88 -13.56
C PHE B 318 5.08 -28.23 -12.16
N ASN B 319 3.75 -28.22 -11.98
CA ASN B 319 3.14 -28.70 -10.74
C ASN B 319 3.48 -30.18 -10.52
N LYS B 320 3.26 -31.02 -11.55
CA LYS B 320 3.51 -32.45 -11.41
C LYS B 320 5.00 -32.73 -11.23
N LEU B 321 5.85 -31.77 -11.61
CA LEU B 321 7.28 -31.80 -11.37
C LEU B 321 7.63 -31.15 -10.03
N PHE B 322 6.83 -31.47 -9.01
CA PHE B 322 6.96 -31.10 -7.60
C PHE B 322 8.11 -30.15 -7.29
N LEU B 323 9.33 -30.49 -7.73
CA LEU B 323 10.51 -29.75 -7.38
C LEU B 323 10.99 -28.93 -8.57
N ASN B 324 11.52 -27.75 -8.28
CA ASN B 324 11.97 -26.83 -9.32
C ASN B 324 13.44 -27.11 -9.62
N GLU B 325 14.14 -26.14 -10.19
CA GLU B 325 15.51 -26.35 -10.66
C GLU B 325 16.46 -26.69 -9.51
N ASP B 326 16.28 -26.05 -8.36
CA ASP B 326 17.06 -26.30 -7.14
C ASP B 326 16.48 -27.41 -6.28
N ASP B 327 15.52 -28.17 -6.80
CA ASP B 327 14.94 -29.32 -6.12
C ASP B 327 14.22 -28.92 -4.83
N LYS B 328 13.54 -27.78 -4.88
CA LYS B 328 12.62 -27.37 -3.82
C LYS B 328 11.21 -27.19 -4.39
N PRO B 329 10.17 -27.32 -3.57
CA PRO B 329 8.81 -27.01 -4.04
C PRO B 329 8.73 -25.58 -4.57
N HIS B 330 7.82 -25.40 -5.53
CA HIS B 330 7.77 -24.14 -6.27
C HIS B 330 7.48 -22.96 -5.34
N ASN B 331 6.55 -23.14 -4.41
CA ASN B 331 6.13 -22.06 -3.54
C ASN B 331 5.30 -22.68 -2.42
N PRO B 332 5.10 -21.97 -1.31
CA PRO B 332 4.40 -22.59 -0.18
C PRO B 332 2.92 -22.92 -0.45
N MET B 333 2.31 -22.53 -1.57
CA MET B 333 0.88 -22.79 -1.71
C MET B 333 0.58 -24.11 -2.42
N VAL B 334 1.58 -24.81 -2.91
CA VAL B 334 1.40 -26.15 -3.46
C VAL B 334 1.49 -27.11 -2.28
N ASN B 335 0.95 -28.32 -2.45
CA ASN B 335 0.96 -29.25 -1.32
C ASN B 335 2.38 -29.57 -0.90
N ALA B 336 3.26 -29.79 -1.87
CA ALA B 336 4.65 -30.08 -1.53
C ALA B 336 5.29 -28.92 -0.76
N GLY B 337 5.00 -27.68 -1.17
CA GLY B 337 5.50 -26.53 -0.45
C GLY B 337 4.82 -26.33 0.90
N ALA B 338 3.49 -26.50 0.94
CA ALA B 338 2.80 -26.44 2.20
C ALA B 338 3.35 -27.47 3.18
N ILE B 339 3.59 -28.70 2.70
CA ILE B 339 4.10 -29.73 3.59
C ILE B 339 5.45 -29.30 4.16
N VAL B 340 6.32 -28.74 3.31
CA VAL B 340 7.63 -28.35 3.80
C VAL B 340 7.50 -27.22 4.80
N VAL B 341 6.61 -26.27 4.54
CA VAL B 341 6.47 -25.13 5.45
C VAL B 341 6.10 -25.62 6.84
N THR B 342 5.22 -26.62 6.90
CA THR B 342 4.90 -27.26 8.17
C THR B 342 6.13 -27.80 8.89
N SER B 343 7.09 -28.35 8.18
CA SER B 343 8.25 -28.88 8.89
C SER B 343 9.10 -27.78 9.51
N LEU B 344 8.92 -26.51 9.10
CA LEU B 344 9.78 -25.46 9.63
C LEU B 344 9.21 -24.84 10.90
N ILE B 345 7.90 -24.93 11.11
CA ILE B 345 7.28 -24.23 12.22
C ILE B 345 7.61 -24.93 13.52
N LYS B 346 8.09 -24.15 14.49
CA LYS B 346 8.45 -24.57 15.83
C LYS B 346 9.14 -25.92 15.82
N GLN B 347 10.36 -25.95 15.30
CA GLN B 347 11.13 -27.18 15.35
C GLN B 347 11.60 -27.42 16.78
N GLY B 348 11.80 -28.70 17.11
CA GLY B 348 12.25 -29.06 18.43
C GLY B 348 11.15 -29.50 19.38
N VAL B 349 10.02 -28.77 19.43
CA VAL B 349 8.91 -29.23 20.25
C VAL B 349 8.19 -30.37 19.53
N ASN B 350 7.37 -31.08 20.30
CA ASN B 350 6.59 -32.15 19.71
C ASN B 350 5.34 -31.58 19.06
N ASN B 351 4.61 -32.44 18.37
CA ASN B 351 3.47 -31.99 17.56
C ASN B 351 2.42 -31.26 18.39
N ALA B 352 2.10 -31.75 19.59
CA ALA B 352 1.03 -31.10 20.35
C ALA B 352 1.39 -29.66 20.74
N GLU B 353 2.66 -29.35 20.95
CA GLU B 353 3.04 -27.96 21.16
C GLU B 353 2.98 -27.17 19.87
N LYS B 354 3.42 -27.77 18.76
CA LYS B 354 3.32 -27.09 17.48
C LYS B 354 1.88 -26.71 17.18
N PHE B 355 0.95 -27.64 17.35
CA PHE B 355 -0.45 -27.35 17.11
C PHE B 355 -1.00 -26.32 18.08
N ASP B 356 -0.51 -26.30 19.33
CA ASP B 356 -0.99 -25.30 20.28
C ASP B 356 -0.48 -23.92 19.92
N TYR B 357 0.76 -23.85 19.44
CA TYR B 357 1.33 -22.59 19.01
C TYR B 357 0.55 -22.02 17.84
N VAL B 358 0.21 -22.88 16.87
CA VAL B 358 -0.46 -22.36 15.69
C VAL B 358 -1.90 -21.94 16.00
N MET B 359 -2.57 -22.62 16.91
CA MET B 359 -3.94 -22.23 17.24
C MET B 359 -3.98 -20.93 18.04
N GLN B 360 -3.12 -20.79 19.04
CA GLN B 360 -3.06 -19.52 19.74
C GLN B 360 -2.78 -18.40 18.72
N PHE B 361 -1.99 -18.71 17.69
CA PHE B 361 -1.65 -17.73 16.68
C PHE B 361 -2.85 -17.38 15.80
N LEU B 362 -3.53 -18.41 15.28
CA LEU B 362 -4.73 -18.14 14.50
C LEU B 362 -5.76 -17.37 15.32
N ASN B 363 -5.84 -17.69 16.62
CA ASN B 363 -6.81 -17.02 17.48
C ASN B 363 -6.48 -15.53 17.65
N LYS B 364 -5.19 -15.19 17.76
CA LYS B 364 -4.80 -13.78 17.75
C LYS B 364 -5.14 -13.14 16.39
N MET B 365 -4.92 -13.87 15.29
CA MET B 365 -5.19 -13.32 13.97
C MET B 365 -6.66 -13.02 13.77
N ALA B 366 -7.55 -13.83 14.37
CA ALA B 366 -8.98 -13.60 14.28
C ALA B 366 -9.52 -12.77 15.42
N GLY B 367 -8.66 -12.16 16.23
CA GLY B 367 -9.11 -11.26 17.29
C GLY B 367 -9.98 -11.91 18.33
N ASN B 368 -9.70 -13.18 18.66
CA ASN B 368 -10.46 -14.03 19.59
C ASN B 368 -11.81 -14.50 19.07
N GLU B 369 -12.10 -14.39 17.78
CA GLU B 369 -13.31 -15.03 17.28
C GLU B 369 -13.05 -16.51 16.96
N TYR B 370 -14.06 -17.18 16.42
CA TYR B 370 -14.10 -18.64 16.44
C TYR B 370 -12.91 -19.26 15.72
N VAL B 371 -12.10 -20.03 16.45
CA VAL B 371 -11.10 -20.90 15.85
C VAL B 371 -11.27 -22.26 16.49
N GLY B 372 -11.69 -23.24 15.70
CA GLY B 372 -12.04 -24.54 16.20
C GLY B 372 -11.21 -25.66 15.64
N PHE B 373 -11.75 -26.88 15.65
CA PHE B 373 -11.04 -28.04 15.18
C PHE B 373 -12.05 -29.16 14.94
N SER B 374 -12.04 -29.75 13.75
CA SER B 374 -12.94 -30.85 13.44
C SER B 374 -12.10 -32.11 13.42
N ASN B 375 -12.03 -32.77 14.58
CA ASN B 375 -11.29 -34.04 14.68
C ASN B 375 -11.81 -35.07 13.69
N ALA B 376 -13.12 -35.10 13.45
CA ALA B 376 -13.68 -35.95 12.41
C ALA B 376 -12.94 -35.75 11.10
N THR B 377 -12.95 -34.51 10.59
CA THR B 377 -12.18 -34.19 9.40
C THR B 377 -10.71 -34.61 9.53
N PHE B 378 -10.15 -34.51 10.74
CA PHE B 378 -8.73 -34.84 10.90
C PHE B 378 -8.46 -36.31 10.60
N GLN B 379 -9.32 -37.20 11.10
CA GLN B 379 -9.05 -38.63 10.94
C GLN B 379 -9.29 -39.10 9.50
N SER B 380 -10.33 -38.61 8.85
CA SER B 380 -10.49 -38.98 7.45
C SER B 380 -9.34 -38.44 6.61
N GLU B 381 -8.77 -37.29 7.00
CA GLU B 381 -7.73 -36.69 6.17
C GLU B 381 -6.45 -37.51 6.21
N ARG B 382 -6.09 -38.03 7.40
CA ARG B 382 -4.92 -38.89 7.47
C ARG B 382 -5.15 -40.23 6.81
N GLU B 383 -6.41 -40.70 6.76
CA GLU B 383 -6.70 -41.98 6.12
C GLU B 383 -6.68 -41.87 4.60
N SER B 384 -7.14 -40.74 4.05
CA SER B 384 -7.12 -40.53 2.60
C SER B 384 -5.87 -39.85 2.11
N GLY B 385 -5.00 -39.38 3.01
CA GLY B 385 -3.83 -38.63 2.60
C GLY B 385 -2.67 -39.50 2.18
N ASP B 386 -2.97 -40.66 1.57
CA ASP B 386 -1.91 -41.53 1.11
C ASP B 386 -1.06 -40.85 0.04
N ARG B 387 -1.70 -40.07 -0.85
CA ARG B 387 -0.93 -39.39 -1.88
C ARG B 387 0.07 -38.43 -1.25
N ASN B 388 -0.27 -37.83 -0.10
CA ASN B 388 0.65 -36.90 0.54
C ASN B 388 1.76 -37.60 1.31
N PHE B 389 1.51 -38.81 1.80
CA PHE B 389 2.59 -39.63 2.36
C PHE B 389 3.65 -39.94 1.30
N ALA B 390 3.20 -40.42 0.14
CA ALA B 390 4.11 -40.62 -0.98
C ALA B 390 4.91 -39.35 -1.26
N ILE B 391 4.22 -38.22 -1.31
CA ILE B 391 4.91 -36.94 -1.50
C ILE B 391 5.90 -36.71 -0.34
N GLY B 392 5.50 -37.05 0.89
CA GLY B 392 6.40 -36.88 2.02
C GLY B 392 7.66 -37.73 1.93
N TYR B 393 7.51 -38.98 1.49
CA TYR B 393 8.69 -39.84 1.35
C TYR B 393 9.63 -39.29 0.30
N TYR B 394 9.08 -38.81 -0.83
CA TYR B 394 9.92 -38.22 -1.86
C TYR B 394 10.65 -37.00 -1.33
N LEU B 395 9.94 -36.18 -0.55
CA LEU B 395 10.57 -35.01 0.06
C LEU B 395 11.67 -35.42 1.04
N LYS B 396 11.39 -36.38 1.94
CA LYS B 396 12.43 -36.76 2.91
C LYS B 396 13.63 -37.37 2.22
N GLU B 397 13.40 -38.26 1.26
CA GLU B 397 14.51 -38.86 0.54
C GLU B 397 15.30 -37.83 -0.26
N LYS B 398 14.61 -36.87 -0.87
CA LYS B 398 15.32 -35.83 -1.61
C LYS B 398 15.76 -34.68 -0.70
N LYS B 399 15.80 -34.92 0.62
CA LYS B 399 16.43 -34.03 1.59
C LYS B 399 15.86 -32.60 1.53
N CYS B 400 14.52 -32.49 1.51
CA CYS B 400 13.90 -31.17 1.53
C CYS B 400 13.46 -30.70 2.92
N PHE B 401 13.45 -31.57 3.92
CA PHE B 401 13.08 -31.18 5.26
C PHE B 401 14.28 -30.70 6.05
N PRO B 402 14.05 -29.95 7.12
CA PRO B 402 15.15 -29.63 8.00
C PRO B 402 15.71 -30.94 8.49
N GLU B 403 17.02 -31.10 8.31
CA GLU B 403 17.70 -32.32 8.69
C GLU B 403 17.28 -32.71 10.09
N GLY B 404 16.86 -33.97 10.24
CA GLY B 404 16.35 -34.54 11.47
C GLY B 404 14.88 -34.23 11.70
N THR B 405 14.01 -34.86 10.91
CA THR B 405 12.60 -34.46 10.86
C THR B 405 11.74 -35.71 10.76
N ASP B 406 10.85 -35.89 11.72
CA ASP B 406 9.98 -37.07 11.73
C ASP B 406 8.92 -36.84 10.67
N MET B 407 9.09 -37.49 9.51
CA MET B 407 8.25 -37.21 8.35
C MET B 407 6.77 -37.49 8.64
N VAL B 408 6.45 -38.67 9.18
CA VAL B 408 5.03 -38.94 9.44
C VAL B 408 4.52 -38.00 10.54
N GLY B 409 5.42 -37.55 11.41
CA GLY B 409 5.03 -36.54 12.37
C GLY B 409 4.62 -35.24 11.70
N ILE B 410 5.38 -34.81 10.69
CA ILE B 410 5.01 -33.60 9.94
C ILE B 410 3.67 -33.79 9.23
N LEU B 411 3.47 -34.94 8.62
CA LEU B 411 2.22 -35.07 7.84
C LEU B 411 1.01 -35.16 8.76
N ASP B 412 1.17 -35.65 9.97
CA ASP B 412 0.03 -35.63 10.92
C ASP B 412 -0.23 -34.18 11.27
N PHE B 413 0.82 -33.42 11.54
CA PHE B 413 0.66 -31.99 11.78
C PHE B 413 -0.06 -31.33 10.60
N TYR B 414 0.37 -31.64 9.38
CA TYR B 414 -0.21 -31.02 8.19
C TYR B 414 -1.72 -31.25 8.13
N PHE B 415 -2.14 -32.50 8.38
CA PHE B 415 -3.58 -32.80 8.35
C PHE B 415 -4.28 -32.14 9.52
N GLN B 416 -3.60 -32.08 10.67
CA GLN B 416 -4.16 -31.36 11.80
C GLN B 416 -4.48 -29.92 11.41
N LEU B 417 -3.52 -29.25 10.76
CA LEU B 417 -3.71 -27.85 10.38
C LEU B 417 -4.80 -27.69 9.34
N CYS B 418 -4.88 -28.60 8.36
CA CYS B 418 -5.93 -28.58 7.35
C CYS B 418 -7.31 -28.66 7.98
N SER B 419 -7.42 -29.24 9.18
CA SER B 419 -8.72 -29.49 9.78
C SER B 419 -9.19 -28.37 10.72
N ILE B 420 -8.36 -27.35 10.95
CA ILE B 420 -8.77 -26.22 11.78
C ILE B 420 -10.02 -25.58 11.21
N GLU B 421 -10.89 -25.11 12.08
CA GLU B 421 -12.22 -24.65 11.70
C GLU B 421 -12.33 -23.14 11.89
N VAL B 422 -13.06 -22.48 10.98
CA VAL B 422 -13.40 -21.08 11.11
C VAL B 422 -14.84 -20.88 10.69
N THR B 423 -15.38 -19.70 11.00
CA THR B 423 -16.60 -19.20 10.38
C THR B 423 -16.20 -18.11 9.40
N CYS B 424 -17.13 -17.66 8.56
CA CYS B 424 -16.72 -16.58 7.68
C CYS B 424 -16.47 -15.33 8.47
N GLU B 425 -17.19 -15.15 9.58
CA GLU B 425 -16.95 -13.97 10.41
C GLU B 425 -15.54 -13.96 10.94
N SER B 426 -15.09 -15.09 11.50
CA SER B 426 -13.81 -15.11 12.18
C SER B 426 -12.68 -15.16 11.17
N ALA B 427 -12.87 -15.89 10.07
CA ALA B 427 -11.87 -15.88 9.00
C ALA B 427 -11.71 -14.49 8.38
N SER B 428 -12.79 -13.70 8.30
CA SER B 428 -12.65 -12.36 7.76
C SER B 428 -11.74 -11.50 8.64
N VAL B 429 -11.73 -11.76 9.95
CA VAL B 429 -10.83 -10.97 10.80
C VAL B 429 -9.39 -11.37 10.56
N MET B 430 -9.14 -12.67 10.39
CA MET B 430 -7.83 -13.11 9.91
C MET B 430 -7.46 -12.38 8.63
N ALA B 431 -8.36 -12.38 7.64
CA ALA B 431 -8.03 -11.71 6.39
C ALA B 431 -7.74 -10.24 6.64
N ALA B 432 -8.56 -9.58 7.46
CA ALA B 432 -8.35 -8.16 7.72
C ALA B 432 -7.05 -7.90 8.47
N THR B 433 -6.54 -8.89 9.20
CA THR B 433 -5.21 -8.76 9.78
C THR B 433 -4.14 -8.70 8.70
N LEU B 434 -4.27 -9.55 7.67
CA LEU B 434 -3.39 -9.47 6.51
C LEU B 434 -3.61 -8.17 5.74
N ALA B 435 -4.87 -7.75 5.63
CA ALA B 435 -5.23 -6.50 4.96
C ALA B 435 -4.68 -5.29 5.68
N ASN B 436 -4.40 -5.40 6.97
CA ASN B 436 -4.03 -4.30 7.86
C ASN B 436 -2.56 -4.40 8.29
N GLY B 437 -1.70 -5.02 7.48
CA GLY B 437 -0.27 -5.03 7.76
C GLY B 437 0.22 -5.85 8.95
N GLY B 438 -0.53 -6.88 9.35
CA GLY B 438 -0.14 -7.70 10.47
C GLY B 438 -0.77 -7.31 11.81
N PHE B 439 -1.58 -6.26 11.83
CA PHE B 439 -2.24 -5.77 13.04
C PHE B 439 -3.71 -6.15 13.02
N CYS B 440 -4.19 -6.73 14.13
CA CYS B 440 -5.59 -7.13 14.19
C CYS B 440 -6.49 -5.93 14.43
N PRO B 441 -7.45 -5.64 13.55
CA PRO B 441 -8.28 -4.43 13.73
C PRO B 441 -9.07 -4.40 15.03
N ILE B 442 -9.61 -5.52 15.50
CA ILE B 442 -10.49 -5.45 16.67
C ILE B 442 -9.74 -5.66 17.99
N THR B 443 -8.44 -5.89 17.96
CA THR B 443 -7.65 -5.87 19.17
C THR B 443 -6.47 -4.91 19.14
N GLY B 444 -6.05 -4.47 17.95
CA GLY B 444 -4.87 -3.63 17.83
C GLY B 444 -3.57 -4.39 17.88
N GLU B 445 -3.61 -5.70 18.10
CA GLU B 445 -2.40 -6.47 18.38
C GLU B 445 -1.53 -6.66 17.13
N ARG B 446 -0.23 -6.44 17.29
CA ARG B 446 0.72 -6.81 16.26
C ARG B 446 0.92 -8.31 16.33
N VAL B 447 0.39 -9.03 15.36
CA VAL B 447 0.45 -10.47 15.29
C VAL B 447 1.54 -10.95 14.33
N LEU B 448 1.53 -10.42 13.12
CA LEU B 448 2.49 -10.84 12.10
C LEU B 448 3.39 -9.66 11.74
N SER B 449 4.66 -9.97 11.49
CA SER B 449 5.62 -8.97 11.10
C SER B 449 5.27 -8.42 9.72
N PRO B 450 5.74 -7.21 9.38
CA PRO B 450 5.45 -6.68 8.05
C PRO B 450 5.92 -7.57 6.93
N GLU B 451 7.06 -8.23 7.15
CA GLU B 451 7.65 -9.11 6.15
C GLU B 451 6.79 -10.36 5.92
N ALA B 452 6.29 -10.96 7.00
CA ALA B 452 5.42 -12.12 6.86
C ALA B 452 4.14 -11.77 6.11
N VAL B 453 3.61 -10.58 6.33
CA VAL B 453 2.41 -10.27 5.60
C VAL B 453 2.75 -10.05 4.12
N ARG B 454 3.77 -9.22 3.87
CA ARG B 454 4.16 -8.92 2.50
C ARG B 454 4.39 -10.20 1.69
N ASN B 455 5.24 -11.10 2.21
CA ASN B 455 5.46 -12.36 1.51
C ASN B 455 4.15 -13.12 1.33
N THR B 456 3.36 -13.24 2.40
CA THR B 456 2.14 -14.02 2.29
C THR B 456 1.21 -13.44 1.23
N LEU B 457 0.96 -12.13 1.29
CA LEU B 457 0.06 -11.54 0.31
C LEU B 457 0.60 -11.70 -1.10
N SER B 458 1.92 -11.54 -1.27
CA SER B 458 2.51 -11.72 -2.60
C SER B 458 2.19 -13.08 -3.19
N LEU B 459 2.60 -14.16 -2.53
CA LEU B 459 2.37 -15.49 -3.08
C LEU B 459 0.88 -15.83 -3.18
N MET B 460 0.03 -15.25 -2.32
CA MET B 460 -1.40 -15.46 -2.49
C MET B 460 -1.90 -14.86 -3.79
N HIS B 461 -1.40 -13.67 -4.13
CA HIS B 461 -1.82 -13.00 -5.35
C HIS B 461 -1.57 -13.88 -6.55
N SER B 462 -0.43 -14.59 -6.57
CA SER B 462 0.02 -15.35 -7.74
C SER B 462 -0.07 -16.87 -7.62
N CYS B 463 -0.19 -17.44 -6.42
CA CYS B 463 -0.26 -18.89 -6.29
C CYS B 463 -1.46 -19.36 -5.48
N GLY B 464 -2.50 -18.55 -5.35
CA GLY B 464 -3.50 -18.81 -4.34
C GLY B 464 -4.73 -19.58 -4.79
N MET B 465 -4.97 -19.64 -6.08
CA MET B 465 -6.23 -20.17 -6.60
C MET B 465 -6.02 -21.40 -7.46
N TYR B 466 -5.15 -22.30 -7.03
CA TYR B 466 -4.97 -23.56 -7.77
C TYR B 466 -4.51 -23.21 -9.20
N ASP B 467 -4.88 -24.01 -10.19
CA ASP B 467 -4.45 -23.70 -11.54
C ASP B 467 -5.12 -22.46 -12.13
N PHE B 468 -6.05 -21.83 -11.41
CA PHE B 468 -6.71 -20.60 -11.82
C PHE B 468 -5.99 -19.36 -11.32
N SER B 469 -4.83 -19.53 -10.67
CA SER B 469 -4.22 -18.43 -9.95
C SER B 469 -3.75 -17.33 -10.89
N GLY B 470 -3.11 -17.69 -12.00
CA GLY B 470 -2.72 -16.67 -12.99
C GLY B 470 -3.91 -15.95 -13.59
N GLN B 471 -5.01 -16.68 -13.82
CA GLN B 471 -6.20 -16.03 -14.34
C GLN B 471 -6.78 -15.07 -13.32
N PHE B 472 -6.90 -15.55 -12.08
CA PHE B 472 -7.38 -14.72 -10.97
C PHE B 472 -6.50 -13.49 -10.80
N ALA B 473 -5.17 -13.66 -10.86
CA ALA B 473 -4.26 -12.53 -10.68
C ALA B 473 -4.45 -11.46 -11.74
N PHE B 474 -4.80 -11.85 -12.96
CA PHE B 474 -4.97 -10.90 -14.05
C PHE B 474 -6.29 -10.14 -13.92
N HIS B 475 -7.38 -10.85 -13.62
CA HIS B 475 -8.71 -10.28 -13.72
C HIS B 475 -9.24 -9.75 -12.40
N VAL B 476 -8.89 -10.39 -11.29
CA VAL B 476 -9.31 -9.95 -9.98
C VAL B 476 -8.26 -9.09 -9.34
N GLY B 477 -7.00 -9.51 -9.44
CA GLY B 477 -5.91 -8.77 -8.86
C GLY B 477 -5.97 -8.65 -7.36
N LEU B 478 -6.62 -9.60 -6.69
CA LEU B 478 -6.53 -9.54 -5.25
C LEU B 478 -5.72 -10.73 -4.74
N PRO B 479 -5.08 -10.63 -3.59
CA PRO B 479 -4.50 -11.82 -2.98
C PRO B 479 -5.61 -12.63 -2.32
N ALA B 480 -5.81 -13.84 -2.81
CA ALA B 480 -6.80 -14.75 -2.22
C ALA B 480 -6.19 -16.14 -2.10
N LYS B 481 -6.89 -17.00 -1.36
CA LYS B 481 -6.51 -18.40 -1.22
C LYS B 481 -7.80 -19.19 -1.04
N SER B 482 -7.96 -20.24 -1.85
CA SER B 482 -9.13 -21.08 -1.82
C SER B 482 -8.78 -22.45 -1.25
N GLY B 483 -9.84 -23.15 -0.81
CA GLY B 483 -9.68 -24.44 -0.16
C GLY B 483 -10.83 -25.36 -0.52
N VAL B 484 -10.64 -26.65 -0.23
CA VAL B 484 -11.58 -27.67 -0.70
C VAL B 484 -12.86 -27.72 0.13
N ALA B 485 -12.96 -26.96 1.22
CA ALA B 485 -14.27 -26.81 1.85
C ALA B 485 -15.11 -25.73 1.19
N GLY B 486 -14.59 -25.06 0.17
CA GLY B 486 -15.31 -24.00 -0.50
C GLY B 486 -15.02 -22.61 0.00
N GLY B 487 -14.01 -22.45 0.86
CA GLY B 487 -13.65 -21.14 1.37
C GLY B 487 -12.72 -20.44 0.41
N ILE B 488 -12.89 -19.12 0.33
CA ILE B 488 -11.89 -18.27 -0.33
C ILE B 488 -11.49 -17.18 0.65
N LEU B 489 -10.27 -17.26 1.15
CA LEU B 489 -9.74 -16.22 2.02
C LEU B 489 -9.29 -15.07 1.13
N LEU B 490 -9.96 -13.92 1.23
CA LEU B 490 -9.75 -12.80 0.31
C LEU B 490 -9.24 -11.57 1.05
N VAL B 491 -8.22 -10.91 0.49
CA VAL B 491 -7.63 -9.73 1.12
C VAL B 491 -7.63 -8.55 0.16
N VAL B 492 -8.07 -7.39 0.65
CA VAL B 492 -7.95 -6.15 -0.10
C VAL B 492 -6.97 -5.24 0.64
N PRO B 493 -5.69 -5.26 0.28
CA PRO B 493 -4.69 -4.51 1.04
C PRO B 493 -5.16 -3.10 1.34
N ASN B 494 -5.08 -2.73 2.62
CA ASN B 494 -5.36 -1.43 3.23
C ASN B 494 -6.84 -1.12 3.39
N VAL B 495 -7.74 -2.06 3.13
CA VAL B 495 -9.17 -1.78 3.12
C VAL B 495 -9.93 -2.80 3.96
N MET B 496 -10.01 -4.04 3.50
CA MET B 496 -10.76 -5.02 4.27
C MET B 496 -10.20 -6.41 4.05
N GLY B 497 -10.62 -7.32 4.93
CA GLY B 497 -10.49 -8.73 4.69
C GLY B 497 -11.86 -9.33 4.48
N MET B 498 -11.91 -10.54 3.93
CA MET B 498 -13.17 -11.16 3.56
C MET B 498 -12.98 -12.67 3.53
N MET B 499 -14.02 -13.40 3.94
CA MET B 499 -14.10 -14.83 3.72
C MET B 499 -15.43 -15.13 3.06
N CYS B 500 -15.38 -15.84 1.94
CA CYS B 500 -16.58 -16.35 1.28
C CYS B 500 -16.52 -17.87 1.34
N TRP B 501 -17.70 -18.49 1.38
CA TRP B 501 -17.80 -19.94 1.57
C TRP B 501 -19.08 -20.44 0.91
N SER B 502 -18.92 -21.35 -0.05
CA SER B 502 -19.99 -22.13 -0.64
C SER B 502 -19.33 -23.43 -1.11
N PRO B 503 -19.81 -24.58 -0.66
CA PRO B 503 -19.07 -25.85 -0.85
C PRO B 503 -18.88 -26.26 -2.30
N PRO B 504 -19.79 -25.93 -3.24
CA PRO B 504 -19.59 -26.44 -4.61
C PRO B 504 -18.33 -25.90 -5.24
N LEU B 505 -17.41 -26.82 -5.61
CA LEU B 505 -16.17 -26.46 -6.29
C LEU B 505 -16.31 -26.58 -7.81
N ASP B 506 -15.58 -25.72 -8.52
CA ASP B 506 -15.52 -25.83 -9.98
C ASP B 506 -14.46 -26.89 -10.36
N LYS B 507 -14.15 -26.96 -11.66
CA LYS B 507 -13.18 -27.96 -12.14
C LYS B 507 -11.81 -27.75 -11.53
N MET B 508 -11.52 -26.57 -11.01
CA MET B 508 -10.20 -26.28 -10.50
C MET B 508 -10.13 -26.30 -8.99
N GLY B 509 -11.26 -26.50 -8.31
CA GLY B 509 -11.26 -26.62 -6.87
C GLY B 509 -11.68 -25.37 -6.14
N ASN B 510 -12.00 -24.30 -6.87
CA ASN B 510 -12.39 -23.03 -6.29
C ASN B 510 -13.90 -22.96 -6.19
N SER B 511 -14.38 -22.31 -5.12
CA SER B 511 -15.80 -22.21 -4.90
C SER B 511 -16.46 -21.45 -6.04
N VAL B 512 -17.52 -22.05 -6.60
CA VAL B 512 -18.16 -21.49 -7.78
C VAL B 512 -18.80 -20.14 -7.45
N LYS B 513 -19.53 -20.07 -6.33
CA LYS B 513 -20.14 -18.79 -6.00
C LYS B 513 -19.11 -17.77 -5.57
N GLY B 514 -18.05 -18.22 -4.89
CA GLY B 514 -17.01 -17.29 -4.46
C GLY B 514 -16.21 -16.70 -5.60
N ILE B 515 -15.86 -17.52 -6.60
CA ILE B 515 -15.15 -16.99 -7.75
C ILE B 515 -16.03 -15.99 -8.48
N HIS B 516 -17.31 -16.31 -8.62
CA HIS B 516 -18.25 -15.35 -9.20
C HIS B 516 -18.27 -14.07 -8.37
N PHE B 517 -18.24 -14.19 -7.04
CA PHE B 517 -18.30 -13.01 -6.20
C PHE B 517 -17.05 -12.16 -6.35
N CYS B 518 -15.87 -12.78 -6.46
CA CYS B 518 -14.65 -11.99 -6.48
C CYS B 518 -14.52 -11.24 -7.79
N HIS B 519 -14.97 -11.83 -8.88
CA HIS B 519 -14.97 -11.13 -10.16
C HIS B 519 -15.91 -9.94 -10.11
N ASP B 520 -17.07 -10.10 -9.49
CA ASP B 520 -18.05 -9.01 -9.46
C ASP B 520 -17.54 -7.87 -8.61
N LEU B 521 -16.96 -8.18 -7.45
CA LEU B 521 -16.49 -7.16 -6.54
C LEU B 521 -15.52 -6.22 -7.24
N VAL B 522 -14.59 -6.78 -8.00
CA VAL B 522 -13.53 -5.96 -8.57
C VAL B 522 -13.99 -5.23 -9.83
N SER B 523 -14.97 -5.77 -10.57
CA SER B 523 -15.65 -4.97 -11.60
C SER B 523 -16.37 -3.78 -11.00
N LEU B 524 -16.99 -3.95 -9.84
CA LEU B 524 -17.79 -2.89 -9.23
C LEU B 524 -16.91 -1.81 -8.62
N CYS B 525 -15.89 -2.18 -7.86
CA CYS B 525 -15.05 -1.20 -7.17
C CYS B 525 -13.63 -1.23 -7.68
N ASN B 526 -12.92 -0.12 -7.42
CA ASN B 526 -11.56 0.02 -7.91
C ASN B 526 -10.62 -0.63 -6.89
N PHE B 527 -10.83 -1.94 -6.71
CA PHE B 527 -10.03 -2.73 -5.79
C PHE B 527 -8.97 -3.56 -6.47
N HIS B 528 -8.98 -3.64 -7.80
CA HIS B 528 -7.94 -4.42 -8.45
C HIS B 528 -6.59 -3.86 -8.05
N ASN B 529 -5.60 -4.74 -8.03
CA ASN B 529 -4.29 -4.36 -7.53
C ASN B 529 -3.69 -3.24 -8.36
N TYR B 530 -4.02 -3.19 -9.65
CA TYR B 530 -3.53 -2.17 -10.56
C TYR B 530 -4.66 -1.32 -11.12
N ASP B 531 -5.76 -1.21 -10.39
CA ASP B 531 -6.58 -0.03 -10.55
C ASP B 531 -5.84 1.17 -9.98
N ASN B 532 -6.13 2.32 -10.54
CA ASN B 532 -5.67 3.62 -10.10
C ASN B 532 -6.58 4.13 -8.98
N LEU B 533 -6.06 5.01 -8.13
CA LEU B 533 -6.93 5.59 -7.11
C LEU B 533 -7.43 6.98 -7.48
N ARG B 534 -7.30 7.38 -8.74
CA ARG B 534 -7.65 8.72 -9.21
C ARG B 534 -8.50 8.67 -10.48
N HIS B 535 -8.03 7.91 -11.46
CA HIS B 535 -8.78 7.70 -12.70
C HIS B 535 -9.12 6.22 -12.80
N PHE B 536 -10.30 5.85 -12.32
CA PHE B 536 -10.71 4.46 -12.32
C PHE B 536 -11.99 4.20 -13.15
N ALA B 537 -12.49 5.20 -13.87
CA ALA B 537 -13.64 5.03 -14.76
C ALA B 537 -14.92 4.75 -13.99
N LYS B 538 -15.69 3.79 -14.48
CA LYS B 538 -17.04 3.59 -13.97
C LYS B 538 -17.08 2.85 -12.63
N LYS B 539 -15.93 2.51 -12.06
CA LYS B 539 -15.94 1.79 -10.79
C LYS B 539 -16.17 2.76 -9.63
N LEU B 540 -16.81 2.24 -8.57
CA LEU B 540 -16.99 2.96 -7.30
C LEU B 540 -15.78 2.78 -6.38
N ASP B 541 -15.40 3.85 -5.66
CA ASP B 541 -14.35 3.82 -4.65
C ASP B 541 -14.99 4.04 -3.29
N PRO B 542 -15.25 3.00 -2.50
CA PRO B 542 -15.90 3.18 -1.20
C PRO B 542 -15.07 3.94 -0.18
N ARG B 543 -13.79 4.19 -0.46
CA ARG B 543 -13.02 5.13 0.34
C ARG B 543 -13.51 6.57 0.04
N LYS B 552 -5.48 19.25 9.27
CA LYS B 552 -4.24 19.30 10.06
C LYS B 552 -4.51 19.57 11.56
N SER B 553 -3.97 18.67 12.38
CA SER B 553 -4.11 18.66 13.83
C SER B 553 -3.36 19.82 14.48
N VAL B 554 -3.69 20.04 15.76
CA VAL B 554 -3.00 21.05 16.54
C VAL B 554 -1.62 20.55 16.91
N ILE B 555 -1.46 19.23 17.03
CA ILE B 555 -0.12 18.65 17.12
C ILE B 555 0.68 19.04 15.88
N ASN B 556 0.02 19.11 14.73
CA ASN B 556 0.70 19.59 13.53
C ASN B 556 1.20 21.01 13.76
N LEU B 557 0.33 21.87 14.30
CA LEU B 557 0.65 23.27 14.52
C LEU B 557 1.84 23.43 15.48
N LEU B 558 1.78 22.79 16.64
CA LEU B 558 2.83 23.06 17.62
C LEU B 558 4.16 22.44 17.18
N PHE B 559 4.14 21.32 16.46
CA PHE B 559 5.43 20.76 16.05
C PHE B 559 6.12 21.64 15.02
N ALA B 560 5.35 22.36 14.21
CA ALA B 560 5.96 23.37 13.35
C ALA B 560 6.53 24.50 14.20
N ALA B 561 5.75 25.02 15.14
CA ALA B 561 6.29 26.01 16.06
C ALA B 561 7.52 25.46 16.77
N TYR B 562 7.51 24.16 17.10
CA TYR B 562 8.63 23.58 17.82
C TYR B 562 9.91 23.63 16.97
N THR B 563 9.86 23.10 15.75
CA THR B 563 11.03 23.03 14.87
C THR B 563 11.38 24.36 14.21
N GLY B 564 10.58 25.41 14.39
CA GLY B 564 10.87 26.72 13.85
C GLY B 564 10.47 26.96 12.40
N ASP B 565 9.73 26.05 11.80
CA ASP B 565 9.34 26.15 10.39
C ASP B 565 8.35 27.28 10.15
N VAL B 566 8.83 28.48 9.79
CA VAL B 566 7.92 29.59 9.47
C VAL B 566 7.11 29.30 8.21
N SER B 567 7.70 28.59 7.25
CA SER B 567 6.98 28.25 6.03
C SER B 567 5.74 27.42 6.33
N ALA B 568 5.87 26.42 7.21
CA ALA B 568 4.76 25.54 7.53
C ALA B 568 3.60 26.30 8.18
N LEU B 569 3.90 27.16 9.15
CA LEU B 569 2.82 27.91 9.81
C LEU B 569 2.16 28.87 8.84
N ARG B 570 2.93 29.43 7.90
CA ARG B 570 2.37 30.27 6.85
C ARG B 570 1.32 29.52 6.05
N ARG B 571 1.64 28.30 5.63
CA ARG B 571 0.66 27.47 4.94
C ARG B 571 -0.56 27.22 5.81
N PHE B 572 -0.35 26.90 7.09
CA PHE B 572 -1.48 26.63 7.97
C PHE B 572 -2.36 27.86 8.13
N ALA B 573 -1.75 29.04 8.29
CA ALA B 573 -2.53 30.26 8.46
C ALA B 573 -3.37 30.55 7.21
N LEU B 574 -2.74 30.45 6.03
CA LEU B 574 -3.45 30.57 4.75
C LEU B 574 -4.41 29.40 4.51
N SER B 575 -4.16 28.24 5.13
CA SER B 575 -5.11 27.14 5.27
C SER B 575 -6.34 27.52 6.11
N ALA B 576 -6.39 28.71 6.69
CA ALA B 576 -7.44 29.13 7.62
C ALA B 576 -7.50 28.27 8.88
N MET B 577 -6.40 27.62 9.24
CA MET B 577 -6.31 26.98 10.54
C MET B 577 -6.36 28.00 11.67
N ASP B 578 -6.97 27.61 12.76
CA ASP B 578 -6.93 28.39 13.99
C ASP B 578 -5.51 28.35 14.56
N MET B 579 -4.83 29.49 14.58
CA MET B 579 -3.46 29.49 15.11
C MET B 579 -3.42 29.63 16.64
N GLU B 580 -4.55 29.76 17.33
CA GLU B 580 -4.58 29.82 18.78
C GLU B 580 -5.12 28.53 19.42
N GLN B 581 -5.03 27.41 18.72
CA GLN B 581 -5.47 26.12 19.26
C GLN B 581 -4.59 25.65 20.43
N ARG B 582 -5.23 25.03 21.43
CA ARG B 582 -4.52 24.44 22.57
C ARG B 582 -4.41 22.93 22.41
N ASP B 583 -3.29 22.38 22.89
CA ASP B 583 -3.18 20.92 23.01
C ASP B 583 -3.71 20.48 24.37
N TYR B 584 -3.45 19.23 24.72
CA TYR B 584 -3.94 18.66 25.98
C TYR B 584 -3.35 19.37 27.20
N ASP B 585 -2.26 20.13 27.04
CA ASP B 585 -1.65 20.92 28.11
C ASP B 585 -2.04 22.40 28.04
N SER B 586 -3.15 22.74 27.37
CA SER B 586 -3.52 24.12 27.03
C SER B 586 -2.38 24.93 26.42
N ARG B 587 -1.49 24.27 25.67
CA ARG B 587 -0.36 24.92 25.02
C ARG B 587 -0.69 25.44 23.62
N THR B 588 0.05 26.46 23.22
CA THR B 588 -0.27 27.23 22.03
C THR B 588 0.97 27.34 21.15
N ALA B 589 0.77 27.50 19.84
CA ALA B 589 1.93 27.71 18.97
C ALA B 589 2.84 28.78 19.52
N LEU B 590 2.27 29.88 20.01
CA LEU B 590 3.09 30.92 20.63
C LEU B 590 3.92 30.37 21.82
N HIS B 591 3.29 29.68 22.77
CA HIS B 591 4.01 29.02 23.86
C HIS B 591 5.25 28.27 23.37
N VAL B 592 5.06 27.30 22.46
CA VAL B 592 6.16 26.44 22.04
C VAL B 592 7.25 27.25 21.37
N ALA B 593 6.86 28.14 20.46
CA ALA B 593 7.85 28.92 19.72
C ALA B 593 8.61 29.84 20.65
N ALA B 594 7.97 30.28 21.73
CA ALA B 594 8.67 31.11 22.71
C ALA B 594 9.72 30.30 23.44
N ALA B 595 9.33 29.13 23.97
CA ALA B 595 10.25 28.32 24.76
C ALA B 595 11.48 27.91 23.96
N GLU B 596 11.36 27.79 22.64
CA GLU B 596 12.51 27.46 21.82
C GLU B 596 13.27 28.68 21.32
N GLY B 597 12.81 29.89 21.65
CA GLY B 597 13.45 31.12 21.21
C GLY B 597 13.44 31.36 19.71
N HIS B 598 12.30 31.09 19.07
CA HIS B 598 12.20 31.17 17.62
C HIS B 598 11.67 32.55 17.25
N VAL B 599 12.57 33.48 16.93
CA VAL B 599 12.15 34.87 16.80
C VAL B 599 11.29 35.06 15.56
N GLU B 600 11.63 34.41 14.44
CA GLU B 600 10.83 34.65 13.27
C GLU B 600 9.45 34.01 13.37
N VAL B 601 9.31 32.96 14.18
CA VAL B 601 8.00 32.34 14.42
C VAL B 601 7.16 33.17 15.38
N VAL B 602 7.77 33.65 16.46
CA VAL B 602 7.04 34.48 17.42
C VAL B 602 6.48 35.70 16.70
N LYS B 603 7.31 36.38 15.92
CA LYS B 603 6.86 37.58 15.23
C LYS B 603 5.76 37.26 14.24
N PHE B 604 5.92 36.17 13.48
CA PHE B 604 4.87 35.78 12.54
C PHE B 604 3.54 35.55 13.25
N LEU B 605 3.56 34.86 14.37
CA LEU B 605 2.33 34.60 15.11
C LEU B 605 1.75 35.90 15.66
N LEU B 606 2.60 36.81 16.10
CA LEU B 606 2.13 38.06 16.67
C LEU B 606 1.73 39.04 15.58
N GLU B 607 2.65 39.34 14.66
CA GLU B 607 2.39 40.42 13.72
C GLU B 607 1.44 39.99 12.60
N ALA B 608 1.69 38.85 11.97
CA ALA B 608 0.87 38.42 10.84
C ALA B 608 -0.44 37.75 11.27
N CYS B 609 -0.38 36.74 12.14
CA CYS B 609 -1.62 36.08 12.52
C CYS B 609 -2.34 36.79 13.68
N LYS B 610 -1.71 37.80 14.27
CA LYS B 610 -2.32 38.68 15.28
C LYS B 610 -2.90 37.85 16.42
N VAL B 611 -2.17 36.81 16.83
CA VAL B 611 -2.71 35.91 17.84
C VAL B 611 -2.60 36.57 19.22
N ASN B 612 -3.43 36.11 20.13
CA ASN B 612 -3.35 36.48 21.54
C ASN B 612 -1.91 36.35 22.04
N PRO B 613 -1.31 37.43 22.55
CA PRO B 613 0.08 37.33 23.03
C PRO B 613 0.25 36.70 24.41
N PHE B 614 -0.82 36.57 25.21
CA PHE B 614 -0.72 36.03 26.57
C PHE B 614 -1.70 34.89 26.84
N PRO B 615 -1.64 33.80 26.06
CA PRO B 615 -2.37 32.59 26.44
C PRO B 615 -1.78 32.04 27.73
N LYS B 616 -2.53 31.20 28.43
CA LYS B 616 -1.99 30.60 29.67
C LYS B 616 -1.92 29.07 29.51
N ASP B 617 -0.79 28.50 29.90
CA ASP B 617 -0.54 27.04 29.97
C ASP B 617 -1.39 26.42 31.07
N ARG B 618 -1.27 25.13 31.25
CA ARG B 618 -1.97 24.52 32.40
C ARG B 618 -1.18 24.93 33.63
N TRP B 619 0.01 25.50 33.41
CA TRP B 619 0.75 25.97 34.57
C TRP B 619 0.68 27.49 34.70
N ASN B 620 -0.24 28.11 33.95
CA ASN B 620 -0.54 29.54 34.02
C ASN B 620 0.63 30.41 33.57
N ASN B 621 1.47 29.88 32.66
CA ASN B 621 2.60 30.60 32.09
C ASN B 621 2.24 31.21 30.75
N THR B 622 2.74 32.37 30.50
CA THR B 622 2.56 32.94 29.18
C THR B 622 3.78 32.70 28.33
N PRO B 623 3.66 32.86 27.00
CA PRO B 623 4.86 32.77 26.16
C PRO B 623 6.00 33.60 26.70
N MET B 624 5.69 34.81 27.19
CA MET B 624 6.71 35.66 27.78
C MET B 624 7.38 34.97 28.96
N ASP B 625 6.58 34.33 29.83
CA ASP B 625 7.18 33.51 30.88
C ASP B 625 8.12 32.49 30.25
N GLU B 626 7.65 31.78 29.22
CA GLU B 626 8.48 30.76 28.60
C GLU B 626 9.76 31.35 28.02
N ALA B 627 9.68 32.51 27.37
CA ALA B 627 10.88 33.08 26.79
C ALA B 627 11.91 33.40 27.86
N LEU B 628 11.46 34.03 28.96
CA LEU B 628 12.38 34.35 30.05
C LEU B 628 12.99 33.08 30.64
N HIS B 629 12.12 32.11 30.98
CA HIS B 629 12.54 30.84 31.57
C HIS B 629 13.71 30.18 30.84
N PHE B 630 13.74 30.18 29.50
CA PHE B 630 14.70 29.38 28.76
C PHE B 630 15.84 30.19 28.15
N GLY B 631 16.04 31.44 28.59
CA GLY B 631 17.18 32.25 28.18
C GLY B 631 17.02 33.07 26.92
N HIS B 632 15.82 33.10 26.32
CA HIS B 632 15.55 33.82 25.07
C HIS B 632 15.07 35.24 25.39
N HIS B 633 16.01 36.04 25.89
CA HIS B 633 15.66 37.37 26.40
C HIS B 633 15.00 38.24 25.33
N ASP B 634 15.58 38.25 24.13
CA ASP B 634 15.01 39.04 23.05
C ASP B 634 13.56 38.64 22.79
N VAL B 635 13.27 37.35 22.80
CA VAL B 635 11.88 36.91 22.67
C VAL B 635 11.07 37.43 23.86
N PHE B 636 11.63 37.35 25.07
CA PHE B 636 10.96 37.92 26.24
C PHE B 636 10.66 39.39 26.02
N LYS B 637 11.66 40.12 25.53
CA LYS B 637 11.48 41.54 25.25
C LYS B 637 10.34 41.77 24.26
N ILE B 638 10.37 41.09 23.11
CA ILE B 638 9.34 41.25 22.08
C ILE B 638 7.94 41.15 22.68
N LEU B 639 7.68 40.06 23.41
CA LEU B 639 6.34 39.87 23.96
C LEU B 639 6.03 40.88 25.07
N GLN B 640 7.05 41.29 25.82
CA GLN B 640 6.88 42.31 26.85
C GLN B 640 6.32 43.60 26.26
N GLU B 641 6.71 43.91 25.01
CA GLU B 641 6.20 45.08 24.31
C GLU B 641 4.69 45.08 24.21
N TYR B 642 4.05 43.91 24.31
CA TYR B 642 2.61 43.79 24.37
C TYR B 642 2.10 43.88 25.81
N GLN B 643 2.98 44.22 26.76
CA GLN B 643 2.79 44.29 28.25
C GLN B 643 3.06 42.96 28.98
#